data_2V2W
#
_entry.id   2V2W
#
_cell.length_a   50.772
_cell.length_b   63.605
_cell.length_c   74.988
_cell.angle_alpha   81.98
_cell.angle_beta   76.26
_cell.angle_gamma   77.85
#
_symmetry.space_group_name_H-M   'P 1'
#
loop_
_entity.id
_entity.type
_entity.pdbx_description
1 polymer 'HLA CLASS I HISTOCOMPATIBILITY ANTIGEN, A-2 ALPHA CHAIN'
2 polymer 'BETA-2 MICROGLOBULIN'
3 polymer 'HIV P17'
4 water water
#
loop_
_entity_poly.entity_id
_entity_poly.type
_entity_poly.pdbx_seq_one_letter_code
_entity_poly.pdbx_strand_id
1 'polypeptide(L)'
;GSHSMRYFFTSVSRPGRGEPRFIAVGYVDDTQFVRFDSDAASQRMEPRAPWIEQEGPEYWDGETRKVKAHSQTHRVDLGT
LRGYYNQSEAGSHTVQRMYGCDVGSDWRFLRGYHQYAYDGKDYIALKEDLRSWTAADMAAQTTKHKWEAAHVAEQLRAYL
EGTCVEWLRRYLENGKETLQRTDAPKTHMTHHAVSDHEATLRCWALSFYPAEITLTWQRDGEDQTQDTELVETRPAGDGT
FQKWAAVVVPSGQEQRYTCHVQHEGLPKPLTLRWEP
;
A,D
2 'polypeptide(L)'
;MIQRTPKIQVYSRHPAENGKSNFLNCYVSGFHPSDIEVDLLKNGERIEKVEHSDLSFSKDWSFYLLYYTEFTPTEKDEYA
CRVNHVTLSQPKIVKWDRDM
;
B,E
3 'polypeptide(L)' SLYNTVATL C,F
#
# COMPACT_ATOMS: atom_id res chain seq x y z
N GLY A 1 3.48 12.93 21.49
CA GLY A 1 3.64 13.80 20.28
C GLY A 1 4.03 13.02 19.04
N SER A 2 4.45 13.74 18.00
CA SER A 2 4.94 13.16 16.73
C SER A 2 6.37 12.66 16.87
N HIS A 3 6.75 11.71 16.02
CA HIS A 3 8.09 11.11 16.10
C HIS A 3 8.60 10.73 14.71
N SER A 4 9.90 10.53 14.59
CA SER A 4 10.55 10.18 13.34
C SER A 4 11.67 9.16 13.53
N MET A 5 11.92 8.37 12.50
CA MET A 5 13.15 7.58 12.43
C MET A 5 13.82 7.93 11.12
N ARG A 6 15.13 8.17 11.16
CA ARG A 6 15.89 8.60 9.97
C ARG A 6 17.24 7.93 9.94
N TYR A 7 17.64 7.46 8.76
CA TYR A 7 19.01 6.99 8.53
C TYR A 7 19.69 7.95 7.55
N PHE A 8 20.96 8.25 7.82
CA PHE A 8 21.77 9.15 6.99
C PHE A 8 23.02 8.41 6.56
N PHE A 9 23.34 8.48 5.26
CA PHE A 9 24.53 7.77 4.74
C PHE A 9 25.38 8.73 3.93
N THR A 10 26.68 8.70 4.21
CA THR A 10 27.65 9.53 3.51
C THR A 10 28.72 8.62 2.90
N SER A 11 28.98 8.82 1.61
CA SER A 11 29.94 8.03 0.86
C SER A 11 30.91 9.05 0.20
N VAL A 12 32.22 8.88 0.40
CA VAL A 12 33.23 9.82 -0.13
C VAL A 12 34.35 9.04 -0.84
N SER A 13 34.49 9.25 -2.15
CA SER A 13 35.59 8.60 -2.90
C SER A 13 36.94 9.18 -2.45
N ARG A 14 37.94 8.30 -2.41
CA ARG A 14 39.31 8.65 -2.02
C ARG A 14 40.31 8.18 -3.10
N PRO A 15 40.31 8.83 -4.27
CA PRO A 15 41.17 8.36 -5.37
C PRO A 15 42.60 8.12 -4.92
N GLY A 16 43.09 6.91 -5.18
CA GLY A 16 44.47 6.50 -4.82
C GLY A 16 44.74 6.26 -3.34
N ARG A 17 43.69 6.36 -2.51
CA ARG A 17 43.83 6.21 -1.07
C ARG A 17 42.95 5.07 -0.58
N GLY A 18 42.66 4.14 -1.49
CA GLY A 18 41.89 2.95 -1.14
C GLY A 18 40.39 3.13 -1.30
N GLU A 19 39.63 2.29 -0.60
CA GLU A 19 38.19 2.20 -0.75
C GLU A 19 37.53 3.51 -0.31
N PRO A 20 36.35 3.83 -0.87
CA PRO A 20 35.68 5.05 -0.41
C PRO A 20 35.28 4.99 1.06
N ARG A 21 35.24 6.14 1.72
CA ARG A 21 34.70 6.25 3.08
C ARG A 21 33.19 6.00 3.04
N PHE A 22 32.69 5.25 4.03
CA PHE A 22 31.23 5.07 4.15
C PHE A 22 30.86 5.20 5.64
N ILE A 23 29.94 6.11 5.95
CA ILE A 23 29.49 6.29 7.32
C ILE A 23 27.97 6.29 7.32
N ALA A 24 27.38 5.45 8.18
CA ALA A 24 25.93 5.41 8.35
C ALA A 24 25.57 5.73 9.78
N VAL A 25 24.51 6.52 9.96
CA VAL A 25 24.01 6.81 11.33
C VAL A 25 22.47 6.71 11.33
N GLY A 26 21.91 6.28 12.46
CA GLY A 26 20.44 6.19 12.56
C GLY A 26 19.99 6.98 13.77
N TYR A 27 18.86 7.69 13.63
CA TYR A 27 18.27 8.48 14.73
C TYR A 27 16.82 8.09 14.94
N VAL A 28 16.35 8.21 16.19
CA VAL A 28 14.92 8.34 16.45
C VAL A 28 14.79 9.75 17.06
N ASP A 29 13.93 10.57 16.46
CA ASP A 29 13.82 11.98 16.86
C ASP A 29 15.24 12.58 16.87
N ASP A 30 15.64 13.26 17.93
CA ASP A 30 16.98 13.88 18.01
C ASP A 30 18.02 13.00 18.72
N THR A 31 17.75 11.70 18.83
CA THR A 31 18.65 10.81 19.56
C THR A 31 19.30 9.79 18.61
N GLN A 32 20.63 9.83 18.48
CA GLN A 32 21.35 8.85 17.65
C GLN A 32 21.30 7.50 18.36
N PHE A 33 21.14 6.40 17.60
CA PHE A 33 21.10 5.06 18.27
C PHE A 33 22.02 4.01 17.63
N VAL A 34 22.41 4.22 16.37
CA VAL A 34 23.36 3.30 15.71
C VAL A 34 24.37 4.02 14.84
N ARG A 35 25.52 3.39 14.58
CA ARG A 35 26.49 3.89 13.61
C ARG A 35 27.17 2.72 12.90
N PHE A 36 27.67 2.98 11.70
CA PHE A 36 28.65 2.14 11.04
C PHE A 36 29.71 3.04 10.44
N ASP A 37 30.97 2.69 10.66
CA ASP A 37 32.06 3.40 10.00
C ASP A 37 32.98 2.44 9.22
N SER A 38 33.08 2.63 7.92
CA SER A 38 33.91 1.78 7.06
C SER A 38 35.35 1.69 7.55
N ASP A 39 35.80 2.74 8.23
CA ASP A 39 37.21 2.85 8.64
C ASP A 39 37.48 2.25 10.01
N ALA A 40 36.42 2.00 10.77
CA ALA A 40 36.57 1.44 12.12
C ALA A 40 36.95 -0.03 12.08
N ALA A 41 37.43 -0.54 13.21
CA ALA A 41 37.98 -1.89 13.27
C ALA A 41 36.91 -2.99 13.23
N SER A 42 35.78 -2.78 13.90
CA SER A 42 34.76 -3.81 14.08
C SER A 42 34.09 -4.31 12.78
N GLN A 43 33.89 -3.40 11.81
CA GLN A 43 33.10 -3.68 10.60
C GLN A 43 31.68 -4.19 10.94
N ARG A 44 31.10 -3.66 12.02
CA ARG A 44 29.73 -3.97 12.41
C ARG A 44 28.93 -2.72 12.66
N MET A 45 27.62 -2.82 12.48
CA MET A 45 26.72 -1.81 13.07
C MET A 45 26.86 -1.82 14.59
N GLU A 46 26.96 -0.64 15.19
CA GLU A 46 27.23 -0.49 16.61
C GLU A 46 26.16 0.35 17.30
N PRO A 47 25.83 0.02 18.55
CA PRO A 47 24.89 0.84 19.33
C PRO A 47 25.46 2.17 19.77
N ARG A 48 24.62 3.21 19.78
CA ARG A 48 25.04 4.51 20.35
C ARG A 48 24.00 5.08 21.33
N ALA A 49 23.09 4.22 21.79
CA ALA A 49 22.15 4.61 22.85
C ALA A 49 21.93 3.39 23.73
N PRO A 50 21.75 3.59 25.04
CA PRO A 50 21.66 2.42 25.93
C PRO A 50 20.52 1.45 25.61
N TRP A 51 19.36 1.96 25.19
CA TRP A 51 18.15 1.15 25.02
C TRP A 51 18.29 0.11 23.90
N ILE A 52 19.07 0.44 22.87
CA ILE A 52 19.25 -0.47 21.73
C ILE A 52 20.26 -1.62 22.01
N GLU A 53 21.09 -1.46 23.03
CA GLU A 53 22.04 -2.49 23.41
C GLU A 53 21.33 -3.78 23.84
N GLN A 54 20.06 -3.67 24.20
CA GLN A 54 19.25 -4.83 24.60
C GLN A 54 18.83 -5.76 23.44
N GLU A 55 18.93 -5.28 22.20
CA GLU A 55 18.58 -6.09 21.05
C GLU A 55 19.59 -7.23 20.90
N GLY A 56 19.16 -8.38 20.40
CA GLY A 56 20.09 -9.53 20.41
C GLY A 56 21.04 -9.61 19.22
N PRO A 57 21.86 -10.67 19.16
CA PRO A 57 22.74 -10.86 17.99
C PRO A 57 22.01 -11.01 16.64
N GLU A 58 20.78 -11.52 16.63
CA GLU A 58 20.03 -11.59 15.38
C GLU A 58 19.84 -10.16 14.87
N TYR A 59 19.49 -9.23 15.75
CA TYR A 59 19.38 -7.81 15.34
C TYR A 59 20.70 -7.25 14.83
N TRP A 60 21.78 -7.39 15.62
CA TRP A 60 23.07 -6.81 15.23
C TRP A 60 23.66 -7.43 13.97
N ASP A 61 23.56 -8.77 13.84
CA ASP A 61 23.99 -9.41 12.60
C ASP A 61 23.20 -8.93 11.37
N GLY A 62 21.89 -8.80 11.54
CA GLY A 62 21.02 -8.29 10.47
C GLY A 62 21.35 -6.86 10.06
N GLU A 63 21.49 -5.96 11.03
CA GLU A 63 21.88 -4.59 10.67
C GLU A 63 23.27 -4.52 10.05
N THR A 64 24.19 -5.37 10.51
CA THR A 64 25.54 -5.40 9.95
C THR A 64 25.49 -5.85 8.49
N ARG A 65 24.73 -6.91 8.24
CA ARG A 65 24.53 -7.41 6.87
C ARG A 65 23.92 -6.36 5.94
N LYS A 66 22.86 -5.69 6.41
CA LYS A 66 22.20 -4.67 5.58
C LYS A 66 23.08 -3.43 5.36
N VAL A 67 23.79 -3.01 6.40
CA VAL A 67 24.63 -1.81 6.27
C VAL A 67 25.83 -2.04 5.33
N LYS A 68 26.43 -3.23 5.39
CA LYS A 68 27.39 -3.65 4.36
C LYS A 68 26.84 -3.62 2.92
N ALA A 69 25.59 -4.07 2.73
CA ALA A 69 24.92 -4.01 1.41
C ALA A 69 24.76 -2.57 0.93
N HIS A 70 24.32 -1.68 1.83
CA HIS A 70 24.26 -0.24 1.56
C HIS A 70 25.64 0.29 1.14
N SER A 71 26.68 -0.15 1.82
CA SER A 71 28.04 0.31 1.53
C SER A 71 28.44 -0.08 0.10
N GLN A 72 28.20 -1.34 -0.25
CA GLN A 72 28.50 -1.83 -1.60
C GLN A 72 27.73 -1.07 -2.68
N THR A 73 26.45 -0.81 -2.40
CA THR A 73 25.65 0.00 -3.30
C THR A 73 26.24 1.40 -3.54
N HIS A 74 26.65 2.08 -2.47
CA HIS A 74 27.25 3.40 -2.60
C HIS A 74 28.61 3.35 -3.34
N ARG A 75 29.34 2.27 -3.15
CA ARG A 75 30.63 2.07 -3.84
C ARG A 75 30.40 2.04 -5.35
N VAL A 76 29.42 1.24 -5.79
CA VAL A 76 29.07 1.15 -7.21
C VAL A 76 28.51 2.47 -7.76
N ASP A 77 27.63 3.14 -6.98
CA ASP A 77 27.04 4.43 -7.38
C ASP A 77 28.05 5.57 -7.64
N LEU A 78 29.10 5.62 -6.83
CA LEU A 78 30.17 6.63 -7.01
C LEU A 78 30.76 6.52 -8.42
N GLY A 79 31.06 5.29 -8.85
CA GLY A 79 31.54 5.04 -10.21
C GLY A 79 30.54 5.43 -11.28
N THR A 80 29.27 5.05 -11.08
CA THR A 80 28.20 5.34 -12.05
C THR A 80 28.07 6.85 -12.26
N LEU A 81 28.05 7.61 -11.15
CA LEU A 81 27.86 9.06 -11.23
C LEU A 81 29.06 9.77 -11.89
N ARG A 82 30.27 9.26 -11.62
CA ARG A 82 31.49 9.80 -12.20
C ARG A 82 31.35 9.73 -13.73
N GLY A 83 30.89 8.60 -14.23
CA GLY A 83 30.62 8.42 -15.67
C GLY A 83 29.50 9.30 -16.20
N TYR A 84 28.38 9.35 -15.48
CA TYR A 84 27.25 10.23 -15.85
C TYR A 84 27.62 11.71 -16.04
N TYR A 85 28.56 12.21 -15.24
CA TYR A 85 28.99 13.61 -15.29
C TYR A 85 30.36 13.79 -15.96
N ASN A 86 30.85 12.73 -16.58
CA ASN A 86 32.12 12.75 -17.32
C ASN A 86 33.30 13.33 -16.51
N GLN A 87 33.37 12.91 -15.26
CA GLN A 87 34.39 13.42 -14.36
C GLN A 87 35.62 12.54 -14.34
N SER A 88 36.78 13.12 -14.00
CA SER A 88 38.02 12.37 -13.98
C SER A 88 38.11 11.45 -12.75
N GLU A 89 38.99 10.47 -12.83
CA GLU A 89 39.28 9.60 -11.69
C GLU A 89 40.08 10.25 -10.56
N ALA A 90 40.60 11.46 -10.80
CA ALA A 90 41.44 12.16 -9.80
C ALA A 90 40.70 12.68 -8.56
N GLY A 91 39.49 13.20 -8.73
CA GLY A 91 38.82 13.98 -7.69
C GLY A 91 38.02 13.17 -6.70
N SER A 92 37.91 13.72 -5.48
CA SER A 92 37.03 13.14 -4.44
C SER A 92 35.61 13.66 -4.69
N HIS A 93 34.62 12.77 -4.60
CA HIS A 93 33.23 13.16 -4.74
C HIS A 93 32.42 12.57 -3.58
N THR A 94 31.25 13.13 -3.36
CA THR A 94 30.41 12.78 -2.19
C THR A 94 29.02 12.35 -2.64
N VAL A 95 28.56 11.21 -2.10
CA VAL A 95 27.16 10.83 -2.29
C VAL A 95 26.51 10.84 -0.90
N GLN A 96 25.30 11.38 -0.80
CA GLN A 96 24.55 11.33 0.46
C GLN A 96 23.18 10.77 0.22
N ARG A 97 22.71 9.97 1.17
CA ARG A 97 21.36 9.38 1.06
C ARG A 97 20.69 9.53 2.43
N MET A 98 19.42 9.89 2.44
CA MET A 98 18.66 9.89 3.71
C MET A 98 17.31 9.23 3.43
N TYR A 99 16.84 8.38 4.35
CA TYR A 99 15.47 7.91 4.28
C TYR A 99 14.90 7.69 5.66
N GLY A 100 13.57 7.61 5.76
CA GLY A 100 12.93 7.37 7.06
C GLY A 100 11.45 7.69 7.00
N CYS A 101 10.82 7.75 8.17
CA CYS A 101 9.37 7.90 8.24
C CYS A 101 9.00 8.75 9.45
N ASP A 102 7.89 9.50 9.34
CA ASP A 102 7.29 10.20 10.48
C ASP A 102 5.96 9.53 10.83
N VAL A 103 5.67 9.47 12.14
CA VAL A 103 4.32 9.16 12.63
C VAL A 103 3.78 10.39 13.36
N GLY A 104 2.46 10.56 13.33
CA GLY A 104 1.86 11.69 14.00
C GLY A 104 1.61 11.40 15.46
N SER A 105 0.88 12.29 16.12
CA SER A 105 0.62 12.13 17.53
C SER A 105 -0.24 10.90 17.85
N ASP A 106 -0.90 10.35 16.82
CA ASP A 106 -1.62 9.07 16.96
C ASP A 106 -0.73 7.82 16.78
N TRP A 107 0.57 8.05 16.58
CA TRP A 107 1.57 7.00 16.24
C TRP A 107 1.35 6.28 14.89
N ARG A 108 0.53 6.85 14.03
CA ARG A 108 0.30 6.27 12.71
C ARG A 108 1.19 6.94 11.66
N PHE A 109 1.50 6.16 10.64
CA PHE A 109 2.25 6.68 9.51
C PHE A 109 1.71 8.06 9.07
N LEU A 110 2.62 9.05 8.99
CA LEU A 110 2.28 10.37 8.50
C LEU A 110 2.97 10.69 7.16
N ARG A 111 4.27 10.39 7.05
CA ARG A 111 5.10 10.84 5.92
C ARG A 111 6.27 9.88 5.76
N GLY A 112 6.72 9.64 4.52
CA GLY A 112 7.94 8.84 4.23
C GLY A 112 8.87 9.69 3.38
N TYR A 113 10.17 9.35 3.38
CA TYR A 113 11.18 10.11 2.61
C TYR A 113 12.25 9.17 2.10
N HIS A 114 12.76 9.47 0.91
CA HIS A 114 13.99 8.86 0.44
C HIS A 114 14.65 9.84 -0.53
N GLN A 115 15.80 10.39 -0.14
CA GLN A 115 16.45 11.45 -0.94
C GLN A 115 17.91 11.12 -1.18
N TYR A 116 18.43 11.61 -2.30
CA TYR A 116 19.78 11.24 -2.71
C TYR A 116 20.43 12.51 -3.29
N ALA A 117 21.67 12.79 -2.88
CA ALA A 117 22.44 13.97 -3.35
C ALA A 117 23.81 13.59 -3.88
N TYR A 118 24.28 14.33 -4.88
CA TYR A 118 25.64 14.16 -5.38
C TYR A 118 26.40 15.49 -5.29
N ASP A 119 27.56 15.45 -4.65
CA ASP A 119 28.37 16.65 -4.43
C ASP A 119 27.57 17.83 -3.86
N GLY A 120 26.70 17.54 -2.88
CA GLY A 120 26.06 18.59 -2.12
C GLY A 120 24.77 19.15 -2.66
N LYS A 121 24.33 18.60 -3.79
CA LYS A 121 23.06 19.00 -4.39
C LYS A 121 22.12 17.83 -4.73
N ASP A 122 20.82 18.11 -4.66
CA ASP A 122 19.78 17.15 -5.00
C ASP A 122 20.15 16.41 -6.26
N TYR A 123 19.98 15.10 -6.24
CA TYR A 123 20.13 14.27 -7.42
C TYR A 123 18.77 13.62 -7.77
N ILE A 124 18.24 12.78 -6.89
CA ILE A 124 16.90 12.19 -7.08
C ILE A 124 16.21 12.04 -5.74
N ALA A 125 14.89 12.25 -5.71
CA ALA A 125 14.11 12.08 -4.49
C ALA A 125 12.77 11.42 -4.78
N LEU A 126 12.31 10.63 -3.83
CA LEU A 126 10.95 10.10 -3.89
C LEU A 126 9.99 11.25 -3.59
N LYS A 127 8.93 11.38 -4.40
CA LYS A 127 7.90 12.38 -4.13
C LYS A 127 7.08 12.02 -2.88
N GLU A 128 6.33 12.99 -2.36
CA GLU A 128 5.54 12.77 -1.12
C GLU A 128 4.57 11.60 -1.23
N ASP A 129 4.06 11.34 -2.43
CA ASP A 129 3.14 10.22 -2.68
C ASP A 129 3.77 8.83 -2.65
N LEU A 130 5.11 8.80 -2.59
CA LEU A 130 5.89 7.55 -2.58
C LEU A 130 5.67 6.66 -3.83
N ARG A 131 5.19 7.28 -4.91
CA ARG A 131 4.90 6.57 -6.16
C ARG A 131 5.73 7.06 -7.35
N SER A 132 6.26 8.27 -7.25
CA SER A 132 7.04 8.82 -8.35
C SER A 132 8.34 9.48 -7.88
N TRP A 133 9.12 9.97 -8.84
CA TRP A 133 10.45 10.52 -8.53
C TRP A 133 10.65 11.94 -9.08
N THR A 134 11.38 12.75 -8.31
CA THR A 134 11.83 14.08 -8.73
C THR A 134 13.31 14.02 -9.07
N ALA A 135 13.60 14.11 -10.37
CA ALA A 135 14.98 14.11 -10.90
C ALA A 135 15.43 15.56 -10.98
N ALA A 136 16.56 15.87 -10.36
CA ALA A 136 17.01 17.25 -10.25
C ALA A 136 17.61 17.78 -11.56
N ASP A 137 18.13 16.89 -12.40
CA ASP A 137 18.81 17.27 -13.66
C ASP A 137 18.74 16.21 -14.77
N MET A 138 19.42 16.49 -15.89
CA MET A 138 19.42 15.58 -17.05
C MET A 138 19.93 14.19 -16.71
N ALA A 139 21.10 14.11 -16.07
CA ALA A 139 21.69 12.83 -15.68
C ALA A 139 20.74 11.98 -14.84
N ALA A 140 20.08 12.62 -13.87
CA ALA A 140 19.18 11.94 -12.93
C ALA A 140 17.98 11.35 -13.63
N GLN A 141 17.60 11.97 -14.75
CA GLN A 141 16.46 11.48 -15.56
C GLN A 141 16.66 10.03 -16.06
N THR A 142 17.91 9.64 -16.32
CA THR A 142 18.31 8.26 -16.59
C THR A 142 17.97 7.32 -15.44
N THR A 143 18.36 7.72 -14.22
CA THR A 143 18.03 6.97 -13.01
C THR A 143 16.52 6.88 -12.82
N LYS A 144 15.83 8.00 -12.99
CA LYS A 144 14.38 8.05 -12.87
C LYS A 144 13.75 7.00 -13.79
N HIS A 145 14.16 7.00 -15.07
CA HIS A 145 13.63 6.03 -16.03
C HIS A 145 13.90 4.59 -15.65
N LYS A 146 15.12 4.33 -15.19
CA LYS A 146 15.53 2.99 -14.79
C LYS A 146 14.68 2.55 -13.60
N TRP A 147 14.57 3.41 -12.60
CA TRP A 147 13.86 3.06 -11.37
C TRP A 147 12.35 2.87 -11.59
N GLU A 148 11.75 3.70 -12.46
CA GLU A 148 10.33 3.58 -12.83
C GLU A 148 10.04 2.25 -13.49
N ALA A 149 10.92 1.89 -14.43
CA ALA A 149 10.81 0.64 -15.18
C ALA A 149 10.95 -0.57 -14.26
N ALA A 150 11.82 -0.46 -13.26
CA ALA A 150 12.06 -1.57 -12.32
C ALA A 150 11.15 -1.54 -11.08
N HIS A 151 10.22 -0.59 -11.04
CA HIS A 151 9.26 -0.44 -9.93
C HIS A 151 9.93 -0.32 -8.55
N VAL A 152 11.01 0.45 -8.49
CA VAL A 152 11.80 0.63 -7.28
C VAL A 152 11.02 1.34 -6.15
N ALA A 153 10.17 2.28 -6.53
CA ALA A 153 9.37 3.06 -5.59
C ALA A 153 8.38 2.19 -4.80
N GLU A 154 7.84 1.17 -5.47
CA GLU A 154 6.83 0.31 -4.90
C GLU A 154 7.32 -0.48 -3.66
N GLN A 155 8.51 -1.06 -3.75
CA GLN A 155 9.07 -1.79 -2.61
C GLN A 155 9.53 -0.83 -1.49
N LEU A 156 10.01 0.34 -1.90
CA LEU A 156 10.44 1.36 -0.95
C LEU A 156 9.22 1.90 -0.20
N ARG A 157 8.12 2.13 -0.93
CA ARG A 157 6.86 2.57 -0.31
C ARG A 157 6.42 1.59 0.79
N ALA A 158 6.49 0.30 0.48
CA ALA A 158 6.13 -0.76 1.43
C ALA A 158 6.94 -0.70 2.71
N TYR A 159 8.25 -0.44 2.59
CA TYR A 159 9.09 -0.23 3.76
C TYR A 159 8.72 1.06 4.53
N LEU A 160 8.61 2.19 3.82
CA LEU A 160 8.40 3.47 4.48
C LEU A 160 7.06 3.53 5.24
N GLU A 161 6.03 2.91 4.67
CA GLU A 161 4.68 2.89 5.24
C GLU A 161 4.45 1.80 6.30
N GLY A 162 5.27 0.76 6.26
CA GLY A 162 5.03 -0.42 7.10
C GLY A 162 6.19 -0.65 8.04
N THR A 163 7.15 -1.43 7.59
CA THR A 163 8.26 -1.80 8.48
C THR A 163 8.95 -0.59 9.16
N CYS A 164 9.11 0.55 8.46
CA CYS A 164 9.77 1.71 9.04
C CYS A 164 9.02 2.19 10.29
N VAL A 165 7.69 2.28 10.17
CA VAL A 165 6.91 2.78 11.31
C VAL A 165 6.73 1.73 12.42
N GLU A 166 6.68 0.46 12.06
CA GLU A 166 6.65 -0.63 13.06
C GLU A 166 7.89 -0.60 13.93
N TRP A 167 9.05 -0.49 13.30
CA TRP A 167 10.32 -0.40 14.03
C TRP A 167 10.41 0.89 14.85
N LEU A 168 9.93 2.00 14.30
CA LEU A 168 9.87 3.25 15.05
C LEU A 168 9.10 3.09 16.36
N ARG A 169 7.90 2.51 16.25
CA ARG A 169 7.06 2.26 17.45
C ARG A 169 7.75 1.31 18.44
N ARG A 170 8.39 0.26 17.93
CA ARG A 170 9.17 -0.61 18.81
C ARG A 170 10.28 0.13 19.59
N TYR A 171 11.09 0.93 18.89
CA TYR A 171 12.14 1.69 19.54
C TYR A 171 11.58 2.67 20.59
N LEU A 172 10.46 3.32 20.27
CA LEU A 172 9.82 4.29 21.20
C LEU A 172 9.45 3.63 22.52
N GLU A 173 8.88 2.43 22.44
CA GLU A 173 8.54 1.72 23.67
C GLU A 173 9.74 1.15 24.41
N ASN A 174 10.66 0.52 23.69
CA ASN A 174 11.86 -0.06 24.28
C ASN A 174 12.78 1.01 24.87
N GLY A 175 12.82 2.17 24.23
CA GLY A 175 13.61 3.30 24.72
C GLY A 175 12.79 4.39 25.39
N LYS A 176 11.62 4.03 25.93
CA LYS A 176 10.66 4.97 26.51
C LYS A 176 11.29 6.01 27.46
N GLU A 177 12.17 5.55 28.36
CA GLU A 177 12.87 6.44 29.30
C GLU A 177 13.67 7.55 28.60
N THR A 178 14.33 7.19 27.50
CA THR A 178 15.20 8.10 26.72
C THR A 178 14.43 8.89 25.66
N LEU A 179 13.45 8.23 25.02
CA LEU A 179 12.76 8.77 23.83
C LEU A 179 11.41 9.45 24.05
N GLN A 180 10.65 9.02 25.06
CA GLN A 180 9.32 9.57 25.28
C GLN A 180 9.36 10.64 26.39
N ARG A 181 10.58 11.12 26.67
CA ARG A 181 10.89 12.18 27.65
C ARG A 181 10.92 13.59 27.04
N THR A 182 10.81 14.60 27.90
CA THR A 182 11.28 15.95 27.57
C THR A 182 12.12 16.45 28.72
N ASP A 183 13.20 17.16 28.38
CA ASP A 183 13.96 17.92 29.35
C ASP A 183 13.66 19.40 29.06
N ALA A 184 13.00 20.08 29.99
CA ALA A 184 12.68 21.49 29.79
C ALA A 184 13.94 22.31 29.90
N PRO A 185 14.04 23.41 29.14
CA PRO A 185 15.25 24.21 29.24
C PRO A 185 15.43 24.79 30.64
N LYS A 186 16.67 24.82 31.12
CA LYS A 186 17.07 25.60 32.29
C LYS A 186 17.50 26.94 31.74
N THR A 187 16.92 28.02 32.25
CA THR A 187 17.13 29.34 31.65
C THR A 187 17.81 30.31 32.59
N HIS A 188 18.55 31.27 32.03
CA HIS A 188 19.09 32.41 32.77
C HIS A 188 19.51 33.53 31.82
N MET A 189 19.74 34.70 32.38
CA MET A 189 20.16 35.84 31.61
C MET A 189 21.52 36.31 32.12
N THR A 190 22.34 36.79 31.21
CA THR A 190 23.57 37.48 31.60
C THR A 190 23.54 38.93 31.13
N HIS A 191 24.34 39.77 31.79
CA HIS A 191 24.38 41.20 31.51
C HIS A 191 25.85 41.57 31.50
N HIS A 192 26.30 42.13 30.39
CA HIS A 192 27.71 42.44 30.18
C HIS A 192 27.78 43.85 29.62
N ALA A 193 28.46 44.73 30.34
CA ALA A 193 28.64 46.11 29.91
C ALA A 193 29.55 46.16 28.70
N VAL A 194 29.00 46.54 27.56
CA VAL A 194 29.81 46.76 26.36
C VAL A 194 30.64 48.03 26.62
N SER A 195 29.99 49.19 26.51
CA SER A 195 30.60 50.48 26.85
C SER A 195 30.02 51.04 28.16
N ASP A 196 30.13 52.36 28.34
CA ASP A 196 29.49 53.01 29.48
C ASP A 196 28.04 53.44 29.16
N HIS A 197 27.57 53.11 27.96
CA HIS A 197 26.19 53.43 27.58
C HIS A 197 25.42 52.28 26.90
N GLU A 198 25.98 51.08 26.92
CA GLU A 198 25.30 49.89 26.35
C GLU A 198 25.66 48.62 27.08
N ALA A 199 24.70 47.69 27.10
CA ALA A 199 24.93 46.41 27.73
C ALA A 199 24.32 45.33 26.87
N THR A 200 24.99 44.19 26.85
CA THR A 200 24.48 43.00 26.16
C THR A 200 23.62 42.23 27.16
N LEU A 201 22.38 41.88 26.78
CA LEU A 201 21.55 40.97 27.59
C LEU A 201 21.52 39.67 26.80
N ARG A 202 21.97 38.57 27.41
CA ARG A 202 21.97 37.26 26.75
C ARG A 202 21.03 36.30 27.48
N CYS A 203 20.10 35.72 26.73
CA CYS A 203 19.08 34.84 27.28
C CYS A 203 19.47 33.41 26.93
N TRP A 204 19.66 32.59 27.95
CA TRP A 204 20.20 31.22 27.78
C TRP A 204 19.10 30.17 27.96
N ALA A 205 19.14 29.11 27.12
CA ALA A 205 18.38 27.88 27.36
C ALA A 205 19.36 26.72 27.33
N LEU A 206 19.38 25.93 28.40
CA LEU A 206 20.36 24.84 28.54
C LEU A 206 19.70 23.51 28.88
N SER A 207 20.37 22.41 28.53
CA SER A 207 20.00 21.07 28.98
C SER A 207 18.56 20.69 28.54
N PHE A 208 18.18 21.09 27.33
CA PHE A 208 16.85 20.70 26.83
C PHE A 208 16.80 19.57 25.78
N TYR A 209 15.63 18.95 25.69
CA TYR A 209 15.40 17.88 24.74
C TYR A 209 13.88 17.80 24.54
N PRO A 210 13.41 17.70 23.27
CA PRO A 210 14.19 17.66 22.02
C PRO A 210 14.77 19.01 21.60
N ALA A 211 15.40 19.04 20.44
CA ALA A 211 16.16 20.21 19.98
C ALA A 211 15.30 21.41 19.63
N GLU A 212 14.10 21.18 19.11
CA GLU A 212 13.18 22.27 18.71
C GLU A 212 12.87 23.23 19.87
N ILE A 213 13.11 24.52 19.66
CA ILE A 213 12.89 25.55 20.70
C ILE A 213 12.71 26.89 19.97
N THR A 214 11.94 27.79 20.57
CA THR A 214 11.86 29.17 20.08
C THR A 214 12.31 30.13 21.20
N LEU A 215 13.31 30.95 20.89
CA LEU A 215 13.89 31.90 21.83
C LEU A 215 13.84 33.26 21.14
N THR A 216 13.06 34.20 21.71
CA THR A 216 12.94 35.52 21.12
C THR A 216 13.01 36.66 22.13
N TRP A 217 13.44 37.82 21.66
CA TRP A 217 13.38 39.05 22.46
C TRP A 217 12.25 39.98 22.00
N GLN A 218 11.62 40.64 22.96
CA GLN A 218 10.69 41.74 22.63
C GLN A 218 11.14 43.01 23.37
N ARG A 219 10.84 44.19 22.79
CA ARG A 219 10.99 45.49 23.47
C ARG A 219 9.60 46.12 23.51
N ASP A 220 9.12 46.40 24.72
CA ASP A 220 7.73 46.80 24.96
C ASP A 220 6.74 45.91 24.20
N GLY A 221 6.94 44.59 24.28
CA GLY A 221 6.12 43.61 23.57
C GLY A 221 6.26 43.54 22.05
N GLU A 222 7.21 44.27 21.47
CA GLU A 222 7.37 44.28 20.01
C GLU A 222 8.56 43.44 19.59
N ASP A 223 8.39 42.68 18.51
CA ASP A 223 9.40 41.72 18.05
C ASP A 223 10.72 42.40 17.70
N GLN A 224 11.82 41.85 18.22
CA GLN A 224 13.14 42.40 17.95
C GLN A 224 13.95 41.48 17.00
N THR A 225 13.26 40.90 16.04
CA THR A 225 13.84 39.99 15.04
C THR A 225 15.19 40.46 14.48
N GLN A 226 15.18 41.63 13.85
CA GLN A 226 16.36 42.17 13.17
C GLN A 226 17.50 42.60 14.06
N ASP A 227 17.24 42.69 15.37
CA ASP A 227 18.22 43.20 16.30
C ASP A 227 18.74 42.12 17.28
N THR A 228 18.30 40.89 17.08
CA THR A 228 18.68 39.81 17.97
C THR A 228 19.80 38.98 17.32
N GLU A 229 20.86 38.68 18.07
CA GLU A 229 21.80 37.66 17.65
C GLU A 229 21.36 36.30 18.21
N LEU A 230 21.15 35.34 17.33
CA LEU A 230 20.60 34.05 17.67
C LEU A 230 21.58 32.99 17.16
N VAL A 231 22.13 32.18 18.08
CA VAL A 231 23.04 31.13 17.65
C VAL A 231 22.25 29.87 17.25
N GLU A 232 22.87 29.07 16.40
CA GLU A 232 22.30 27.81 16.02
C GLU A 232 22.22 26.92 17.25
N THR A 233 21.12 26.18 17.38
CA THR A 233 20.99 25.20 18.47
C THR A 233 22.10 24.17 18.38
N ARG A 234 22.73 23.87 19.52
CA ARG A 234 23.96 23.08 19.54
C ARG A 234 23.86 21.94 20.55
N PRO A 235 24.49 20.82 20.25
CA PRO A 235 24.47 19.70 21.19
C PRO A 235 25.39 19.90 22.40
N ALA A 236 24.90 19.53 23.59
CA ALA A 236 25.78 19.58 24.76
C ALA A 236 26.77 18.40 24.86
N GLY A 237 26.47 17.28 24.18
CA GLY A 237 27.35 16.12 24.25
C GLY A 237 26.75 14.99 25.09
N ASP A 238 25.76 15.34 25.91
CA ASP A 238 25.10 14.40 26.83
C ASP A 238 23.69 14.06 26.39
N GLY A 239 23.34 14.40 25.14
CA GLY A 239 22.01 14.13 24.62
C GLY A 239 21.02 15.28 24.78
N THR A 240 21.46 16.38 25.36
CA THR A 240 20.64 17.62 25.44
C THR A 240 21.21 18.68 24.51
N PHE A 241 20.49 19.79 24.41
CA PHE A 241 20.84 20.87 23.51
C PHE A 241 20.92 22.20 24.27
N GLN A 242 21.53 23.19 23.62
CA GLN A 242 21.70 24.54 24.16
C GLN A 242 21.40 25.59 23.06
N LYS A 243 20.96 26.77 23.50
CA LYS A 243 20.80 27.88 22.57
C LYS A 243 20.82 29.19 23.37
N TRP A 244 21.23 30.28 22.74
CA TRP A 244 21.05 31.60 23.35
C TRP A 244 20.65 32.66 22.33
N ALA A 245 20.09 33.76 22.82
CA ALA A 245 19.68 34.88 21.99
C ALA A 245 20.09 36.14 22.76
N ALA A 246 20.72 37.10 22.08
CA ALA A 246 21.20 38.31 22.76
C ALA A 246 20.74 39.57 22.06
N VAL A 247 20.56 40.61 22.86
CA VAL A 247 20.30 41.95 22.32
C VAL A 247 21.24 42.93 23.04
N VAL A 248 21.55 44.02 22.35
CA VAL A 248 22.32 45.11 22.94
C VAL A 248 21.30 46.19 23.31
N VAL A 249 21.32 46.57 24.59
CA VAL A 249 20.30 47.44 25.16
C VAL A 249 20.96 48.74 25.66
N PRO A 250 20.39 49.90 25.30
CA PRO A 250 20.99 51.13 25.84
C PRO A 250 20.90 51.09 27.35
N SER A 251 22.02 51.35 28.05
CA SER A 251 22.06 51.28 29.51
C SER A 251 20.90 52.06 30.15
N GLY A 252 20.21 51.44 31.11
CA GLY A 252 18.99 52.03 31.66
C GLY A 252 17.67 51.58 31.06
N GLN A 253 17.71 50.98 29.86
CA GLN A 253 16.48 50.47 29.22
C GLN A 253 16.21 48.96 29.43
N GLU A 254 17.01 48.32 30.28
CA GLU A 254 16.90 46.87 30.53
C GLU A 254 15.46 46.38 30.79
N GLN A 255 14.68 47.20 31.49
CA GLN A 255 13.27 46.94 31.82
C GLN A 255 12.31 46.78 30.63
N ARG A 256 12.69 47.31 29.47
CA ARG A 256 11.78 47.30 28.33
C ARG A 256 11.78 45.94 27.65
N TYR A 257 12.81 45.14 27.94
CA TYR A 257 13.15 43.94 27.17
C TYR A 257 12.68 42.67 27.87
N THR A 258 12.05 41.78 27.12
CA THR A 258 11.60 40.50 27.65
C THR A 258 12.12 39.39 26.73
N CYS A 259 12.63 38.33 27.35
CA CYS A 259 13.00 37.10 26.62
C CYS A 259 11.89 36.09 26.74
N HIS A 260 11.53 35.48 25.62
CA HIS A 260 10.39 34.53 25.58
C HIS A 260 10.89 33.18 25.13
N VAL A 261 10.59 32.14 25.94
CA VAL A 261 11.07 30.77 25.66
C VAL A 261 9.88 29.84 25.45
N GLN A 262 9.84 29.17 24.31
CA GLN A 262 8.81 28.16 24.02
C GLN A 262 9.50 26.82 23.77
N HIS A 263 9.07 25.82 24.52
CA HIS A 263 9.65 24.49 24.40
C HIS A 263 8.61 23.47 24.87
N GLU A 264 8.58 22.32 24.21
CA GLU A 264 7.66 21.25 24.64
C GLU A 264 7.71 20.87 26.13
N GLY A 265 8.89 20.98 26.75
CA GLY A 265 9.09 20.57 28.13
C GLY A 265 8.57 21.59 29.14
N LEU A 266 8.11 22.75 28.64
CA LEU A 266 7.64 23.80 29.55
C LEU A 266 6.13 23.64 29.72
N PRO A 267 5.63 23.82 30.96
CA PRO A 267 4.19 23.78 31.24
C PRO A 267 3.44 24.95 30.56
N LYS A 268 4.14 26.07 30.41
CA LYS A 268 3.65 27.32 29.83
C LYS A 268 4.91 28.01 29.30
N PRO A 269 4.79 28.77 28.20
CA PRO A 269 5.94 29.54 27.70
C PRO A 269 6.46 30.47 28.78
N LEU A 270 7.79 30.66 28.83
CA LEU A 270 8.45 31.50 29.85
C LEU A 270 8.70 32.92 29.37
N THR A 271 8.57 33.87 30.29
CA THR A 271 9.03 35.24 30.06
C THR A 271 10.12 35.57 31.09
N LEU A 272 11.29 35.97 30.60
CA LEU A 272 12.39 36.38 31.45
C LEU A 272 12.63 37.87 31.24
N ARG A 273 13.03 38.54 32.32
CA ARG A 273 13.27 39.98 32.33
C ARG A 273 14.49 40.19 33.20
N TRP A 274 15.30 41.17 32.83
CA TRP A 274 16.37 41.59 33.72
C TRP A 274 15.70 42.58 34.68
N GLU A 275 15.55 42.16 35.94
CA GLU A 275 15.03 43.04 36.98
C GLU A 275 15.71 42.76 38.33
N PRO A 276 16.83 42.24 38.38
N MET B 1 32.57 22.73 -7.99
CA MET B 1 31.45 22.13 -7.20
C MET B 1 31.20 22.86 -5.88
N ILE B 2 30.09 22.51 -5.23
CA ILE B 2 29.58 23.18 -4.03
C ILE B 2 30.64 23.15 -2.94
N GLN B 3 30.79 24.28 -2.25
CA GLN B 3 31.65 24.37 -1.08
C GLN B 3 30.95 25.32 -0.13
N ARG B 4 30.73 24.89 1.11
CA ARG B 4 30.09 25.70 2.15
C ARG B 4 30.99 25.76 3.41
N THR B 5 31.16 26.95 3.98
CA THR B 5 32.11 27.17 5.09
C THR B 5 31.52 26.72 6.45
N PRO B 6 32.35 26.11 7.32
CA PRO B 6 31.75 25.67 8.59
C PRO B 6 31.48 26.84 9.50
N LYS B 7 30.33 26.78 10.18
CA LYS B 7 30.06 27.63 11.33
C LYS B 7 30.75 26.94 12.49
N ILE B 8 31.26 27.73 13.45
CA ILE B 8 32.05 27.23 14.59
C ILE B 8 31.48 27.78 15.90
N GLN B 9 31.24 26.90 16.88
CA GLN B 9 30.92 27.36 18.24
C GLN B 9 31.79 26.56 19.22
N VAL B 10 32.42 27.27 20.18
CA VAL B 10 33.28 26.66 21.21
C VAL B 10 32.62 26.97 22.55
N TYR B 11 32.44 25.94 23.39
CA TYR B 11 31.63 26.07 24.61
C TYR B 11 31.82 24.86 25.52
N SER B 12 31.41 25.02 26.78
CA SER B 12 31.46 23.91 27.74
C SER B 12 30.09 23.19 27.81
N ARG B 13 30.12 21.88 28.08
CA ARG B 13 28.90 21.13 28.30
C ARG B 13 28.05 21.71 29.43
N HIS B 14 28.72 21.99 30.56
CA HIS B 14 28.08 22.50 31.77
C HIS B 14 28.55 23.94 32.00
N PRO B 15 27.74 24.74 32.74
CA PRO B 15 28.21 26.08 33.09
C PRO B 15 29.57 25.97 33.77
N ALA B 16 30.53 26.78 33.33
CA ALA B 16 31.92 26.62 33.79
C ALA B 16 32.09 27.02 35.25
N GLU B 17 32.79 26.18 36.01
CA GLU B 17 33.11 26.45 37.41
C GLU B 17 34.53 26.02 37.67
N ASN B 18 35.39 26.97 38.06
CA ASN B 18 36.78 26.68 38.30
C ASN B 18 36.97 25.50 39.24
N GLY B 19 37.85 24.58 38.84
CA GLY B 19 38.14 23.38 39.60
C GLY B 19 37.14 22.24 39.52
N LYS B 20 36.09 22.40 38.69
CA LYS B 20 35.08 21.34 38.54
C LYS B 20 35.10 20.75 37.14
N SER B 21 35.01 19.42 37.09
CA SER B 21 35.24 18.70 35.83
C SER B 21 34.11 19.00 34.85
N ASN B 22 34.46 19.02 33.56
CA ASN B 22 33.50 19.45 32.53
C ASN B 22 33.91 18.85 31.19
N PHE B 23 33.22 19.26 30.11
CA PHE B 23 33.66 18.90 28.75
C PHE B 23 33.75 20.17 27.93
N LEU B 24 34.82 20.30 27.16
CA LEU B 24 35.00 21.42 26.24
C LEU B 24 34.57 20.92 24.87
N ASN B 25 33.68 21.68 24.23
CA ASN B 25 33.08 21.29 22.95
C ASN B 25 33.45 22.28 21.84
N CYS B 26 33.71 21.75 20.66
CA CYS B 26 33.72 22.56 19.42
C CYS B 26 32.73 21.95 18.43
N TYR B 27 31.66 22.69 18.16
CA TYR B 27 30.62 22.28 17.21
C TYR B 27 30.85 22.95 15.84
N VAL B 28 31.06 22.13 14.82
CA VAL B 28 31.24 22.64 13.42
C VAL B 28 30.03 22.19 12.62
N SER B 29 29.44 23.11 11.86
CA SER B 29 28.22 22.75 11.13
C SER B 29 28.08 23.54 9.81
N GLY B 30 27.14 23.12 8.95
CA GLY B 30 26.84 23.86 7.71
C GLY B 30 27.89 23.80 6.62
N PHE B 31 28.82 22.84 6.72
CA PHE B 31 29.93 22.72 5.80
C PHE B 31 29.78 21.63 4.72
N HIS B 32 30.51 21.82 3.61
CA HIS B 32 30.57 20.83 2.52
C HIS B 32 31.80 21.21 1.68
N PRO B 33 32.62 20.23 1.24
CA PRO B 33 32.59 18.76 1.50
C PRO B 33 32.95 18.37 2.97
N SER B 34 32.98 17.07 3.27
CA SER B 34 33.03 16.62 4.68
C SER B 34 34.44 16.60 5.29
N ASP B 35 35.50 16.68 4.48
CA ASP B 35 36.86 16.72 5.08
C ASP B 35 37.03 18.03 5.84
N ILE B 36 37.42 17.91 7.11
CA ILE B 36 37.59 19.06 7.97
C ILE B 36 38.60 18.67 9.05
N GLU B 37 39.37 19.66 9.52
CA GLU B 37 40.36 19.42 10.60
C GLU B 37 39.96 20.28 11.78
N VAL B 38 39.81 19.67 12.96
CA VAL B 38 39.40 20.42 14.15
C VAL B 38 40.28 20.04 15.33
N ASP B 39 40.95 21.06 15.90
CA ASP B 39 41.76 20.90 17.12
C ASP B 39 41.21 21.73 18.26
N LEU B 40 41.31 21.21 19.48
CA LEU B 40 41.03 21.97 20.68
C LEU B 40 42.39 22.39 21.26
N LEU B 41 42.50 23.64 21.69
CA LEU B 41 43.77 24.20 22.19
C LEU B 41 43.66 24.55 23.67
N LYS B 42 44.72 24.26 24.44
CA LYS B 42 44.85 24.76 25.80
C LYS B 42 46.11 25.62 25.84
N ASN B 43 45.93 26.91 26.15
CA ASN B 43 47.02 27.89 26.16
C ASN B 43 47.86 27.86 24.87
N GLY B 44 47.16 27.74 23.74
CA GLY B 44 47.78 27.75 22.41
C GLY B 44 48.23 26.41 21.87
N GLU B 45 48.25 25.38 22.72
CA GLU B 45 48.81 24.08 22.36
C GLU B 45 47.70 23.04 22.16
N ARG B 46 47.84 22.23 21.10
CA ARG B 46 46.91 21.15 20.78
C ARG B 46 46.73 20.17 21.93
N ILE B 47 45.46 19.90 22.26
CA ILE B 47 45.05 18.89 23.22
C ILE B 47 44.99 17.51 22.54
N GLU B 48 45.62 16.53 23.19
CA GLU B 48 45.86 15.23 22.58
C GLU B 48 44.65 14.34 22.47
N LYS B 49 43.91 14.19 23.55
CA LYS B 49 42.83 13.22 23.54
C LYS B 49 41.51 13.92 23.28
N VAL B 50 41.20 14.08 21.99
CA VAL B 50 39.95 14.73 21.55
C VAL B 50 39.16 13.75 20.69
N GLU B 51 37.87 13.63 21.00
CA GLU B 51 37.01 12.73 20.27
C GLU B 51 36.01 13.54 19.48
N HIS B 52 35.24 12.84 18.64
CA HIS B 52 34.20 13.48 17.85
C HIS B 52 32.99 12.58 17.59
N SER B 53 31.86 13.20 17.32
CA SER B 53 30.61 12.50 16.99
C SER B 53 30.71 11.87 15.60
N ASP B 54 29.76 10.98 15.28
CA ASP B 54 29.77 10.34 13.97
C ASP B 54 29.18 11.30 12.95
N LEU B 55 29.86 11.42 11.82
CA LEU B 55 29.45 12.36 10.75
C LEU B 55 27.98 12.20 10.34
N SER B 56 27.26 13.33 10.35
CA SER B 56 25.87 13.36 9.92
C SER B 56 25.64 14.68 9.18
N PHE B 57 24.41 14.90 8.73
CA PHE B 57 24.10 16.09 7.94
C PHE B 57 22.67 16.56 8.10
N SER B 58 22.45 17.82 7.73
CA SER B 58 21.13 18.44 7.84
C SER B 58 20.29 18.31 6.58
N LYS B 59 19.08 18.88 6.62
CA LYS B 59 18.15 18.81 5.51
C LYS B 59 18.73 19.38 4.20
N ASP B 60 19.56 20.42 4.32
CA ASP B 60 20.18 21.07 3.15
C ASP B 60 21.48 20.36 2.68
N TRP B 61 21.73 19.17 3.26
CA TRP B 61 22.87 18.29 2.92
C TRP B 61 24.19 18.66 3.59
N SER B 62 24.23 19.79 4.28
CA SER B 62 25.47 20.26 4.89
C SER B 62 25.79 19.43 6.12
N PHE B 63 27.08 19.20 6.35
CA PHE B 63 27.56 18.33 7.45
C PHE B 63 27.65 19.01 8.82
N TYR B 64 27.59 18.21 9.89
CA TYR B 64 27.91 18.71 11.26
C TYR B 64 28.64 17.67 12.09
N LEU B 65 29.53 18.15 12.96
CA LEU B 65 30.34 17.32 13.88
C LEU B 65 30.50 18.01 15.23
N LEU B 66 30.50 17.22 16.29
CA LEU B 66 30.87 17.72 17.60
C LEU B 66 32.20 17.12 18.04
N TYR B 67 33.19 17.98 18.28
CA TYR B 67 34.50 17.58 18.85
C TYR B 67 34.54 17.91 20.33
N TYR B 68 35.10 17.02 21.16
CA TYR B 68 34.97 17.23 22.60
C TYR B 68 36.09 16.57 23.40
N THR B 69 36.39 17.13 24.57
CA THR B 69 37.36 16.51 25.49
C THR B 69 37.02 16.88 26.93
N GLU B 70 37.36 15.99 27.87
CA GLU B 70 37.23 16.33 29.31
C GLU B 70 38.20 17.45 29.65
N PHE B 71 37.75 18.39 30.48
CA PHE B 71 38.63 19.44 31.03
C PHE B 71 38.12 19.99 32.36
N THR B 72 39.04 20.49 33.18
CA THR B 72 38.64 21.20 34.38
C THR B 72 39.06 22.66 34.25
N PRO B 73 38.09 23.57 34.02
CA PRO B 73 38.48 24.96 33.83
C PRO B 73 39.07 25.59 35.09
N THR B 74 40.01 26.52 34.90
CA THR B 74 40.56 27.34 35.98
C THR B 74 40.45 28.83 35.63
N GLU B 75 40.84 29.68 36.57
CA GLU B 75 40.81 31.11 36.35
C GLU B 75 41.65 31.54 35.15
N LYS B 76 42.84 30.96 35.01
CA LYS B 76 43.83 31.47 34.07
C LYS B 76 43.95 30.72 32.74
N ASP B 77 43.59 29.44 32.69
CA ASP B 77 43.78 28.67 31.46
C ASP B 77 42.83 29.17 30.37
N GLU B 78 43.37 29.33 29.17
CA GLU B 78 42.62 29.78 28.01
C GLU B 78 42.42 28.63 27.03
N TYR B 79 41.19 28.47 26.52
CA TYR B 79 40.91 27.43 25.54
C TYR B 79 40.41 27.99 24.21
N ALA B 80 40.63 27.25 23.13
CA ALA B 80 40.18 27.67 21.78
C ALA B 80 39.91 26.46 20.90
N CYS B 81 39.23 26.69 19.76
CA CYS B 81 39.06 25.68 18.73
C CYS B 81 39.78 26.19 17.48
N ARG B 82 40.50 25.33 16.77
CA ARG B 82 41.18 25.70 15.53
C ARG B 82 40.70 24.78 14.39
N VAL B 83 40.17 25.39 13.34
CA VAL B 83 39.45 24.68 12.30
C VAL B 83 40.09 24.97 10.94
N ASN B 84 40.26 23.93 10.13
CA ASN B 84 40.61 24.14 8.72
C ASN B 84 39.73 23.31 7.80
N HIS B 85 39.48 23.89 6.62
CA HIS B 85 38.53 23.36 5.65
C HIS B 85 38.89 23.96 4.28
N VAL B 86 38.44 23.34 3.18
CA VAL B 86 38.78 23.87 1.82
C VAL B 86 38.37 25.33 1.61
N THR B 87 37.27 25.74 2.26
CA THR B 87 36.71 27.10 2.19
C THR B 87 37.49 28.15 2.99
N LEU B 88 38.48 27.71 3.77
CA LEU B 88 39.24 28.58 4.65
C LEU B 88 40.69 28.64 4.16
N SER B 89 41.16 29.84 3.88
CA SER B 89 42.50 30.01 3.31
C SER B 89 43.57 29.70 4.35
N GLN B 90 43.28 30.05 5.60
CA GLN B 90 44.12 29.70 6.75
C GLN B 90 43.23 29.22 7.90
N PRO B 91 43.80 28.46 8.85
CA PRO B 91 43.00 27.99 9.99
C PRO B 91 42.31 29.13 10.71
N LYS B 92 41.04 28.92 11.07
CA LYS B 92 40.27 29.89 11.82
C LYS B 92 40.28 29.46 13.27
N ILE B 93 40.64 30.39 14.16
CA ILE B 93 40.69 30.13 15.59
C ILE B 93 39.58 30.92 16.31
N VAL B 94 38.77 30.20 17.09
CA VAL B 94 37.72 30.80 17.88
C VAL B 94 38.01 30.53 19.37
N LYS B 95 38.04 31.60 20.15
CA LYS B 95 38.37 31.49 21.59
C LYS B 95 37.17 31.12 22.44
N TRP B 96 37.42 30.32 23.47
CA TRP B 96 36.37 30.01 24.43
C TRP B 96 36.10 31.20 25.34
N ASP B 97 34.84 31.59 25.40
CA ASP B 97 34.40 32.65 26.29
C ASP B 97 33.36 31.91 27.12
N ARG B 98 33.60 31.80 28.42
CA ARG B 98 32.71 30.97 29.25
C ARG B 98 31.27 31.48 29.31
N ASP B 99 31.03 32.60 28.60
CA ASP B 99 29.74 33.28 28.57
C ASP B 99 29.08 33.21 27.17
N MET B 100 29.54 32.27 26.33
CA MET B 100 29.04 32.14 24.96
C MET B 100 28.88 30.67 24.51
N SER C 1 15.34 -0.21 12.11
CA SER C 1 15.87 -1.30 11.25
C SER C 1 16.01 -0.86 9.78
N LEU C 2 17.16 -1.16 9.18
CA LEU C 2 17.44 -0.73 7.81
C LEU C 2 16.57 -1.42 6.77
N TYR C 3 16.36 -0.71 5.66
CA TYR C 3 15.71 -1.24 4.48
C TYR C 3 16.57 -2.35 3.86
N ASN C 4 15.93 -3.42 3.39
CA ASN C 4 16.65 -4.65 3.02
C ASN C 4 16.96 -4.75 1.52
N THR C 5 16.22 -4.00 0.70
CA THR C 5 16.31 -4.10 -0.75
C THR C 5 16.62 -2.77 -1.44
N VAL C 6 17.81 -2.23 -1.18
CA VAL C 6 18.26 -0.95 -1.78
C VAL C 6 18.78 -1.10 -3.23
N ALA C 7 18.14 -0.41 -4.17
CA ALA C 7 18.47 -0.48 -5.61
C ALA C 7 19.65 0.41 -5.98
N THR C 8 20.51 -0.07 -6.86
CA THR C 8 21.64 0.75 -7.31
C THR C 8 21.19 1.79 -8.31
N LEU C 9 21.99 2.84 -8.40
CA LEU C 9 21.74 3.96 -9.27
C LEU C 9 22.00 3.62 -10.72
N GLY D 1 -3.24 -10.02 -12.98
CA GLY D 1 -4.62 -10.59 -13.00
C GLY D 1 -4.98 -11.14 -14.37
N SER D 2 -5.46 -12.38 -14.38
CA SER D 2 -5.97 -13.01 -15.60
C SER D 2 -7.38 -12.52 -15.93
N HIS D 3 -7.76 -12.67 -17.20
CA HIS D 3 -9.05 -12.13 -17.68
C HIS D 3 -9.68 -13.06 -18.70
N SER D 4 -10.97 -12.89 -18.95
CA SER D 4 -11.67 -13.71 -19.93
C SER D 4 -12.81 -12.92 -20.59
N MET D 5 -13.17 -13.30 -21.82
CA MET D 5 -14.43 -12.87 -22.44
C MET D 5 -15.21 -14.13 -22.74
N ARG D 6 -16.49 -14.15 -22.34
CA ARG D 6 -17.34 -15.33 -22.59
C ARG D 6 -18.71 -14.87 -23.06
N TYR D 7 -19.25 -15.59 -24.04
CA TYR D 7 -20.66 -15.46 -24.43
C TYR D 7 -21.42 -16.75 -24.11
N PHE D 8 -22.64 -16.58 -23.58
CA PHE D 8 -23.49 -17.69 -23.13
C PHE D 8 -24.82 -17.55 -23.85
N PHE D 9 -25.29 -18.64 -24.48
CA PHE D 9 -26.55 -18.63 -25.21
C PHE D 9 -27.42 -19.75 -24.67
N THR D 10 -28.69 -19.43 -24.40
CA THR D 10 -29.66 -20.41 -23.94
C THR D 10 -30.88 -20.33 -24.86
N SER D 11 -31.24 -21.43 -25.48
CA SER D 11 -32.49 -21.51 -26.23
C SER D 11 -33.37 -22.63 -25.66
N VAL D 12 -34.67 -22.35 -25.49
CA VAL D 12 -35.60 -23.29 -24.85
C VAL D 12 -36.86 -23.41 -25.71
N SER D 13 -37.15 -24.61 -26.24
CA SER D 13 -38.37 -24.77 -27.05
C SER D 13 -39.64 -24.71 -26.18
N ARG D 14 -40.70 -24.14 -26.76
CA ARG D 14 -42.02 -24.11 -26.12
C ARG D 14 -43.08 -24.51 -27.17
N PRO D 15 -43.29 -25.82 -27.35
CA PRO D 15 -44.16 -26.38 -28.39
C PRO D 15 -45.58 -25.86 -28.27
N GLY D 16 -46.15 -25.38 -29.37
CA GLY D 16 -47.48 -24.77 -29.37
C GLY D 16 -47.52 -23.34 -28.86
N ARG D 17 -46.47 -22.92 -28.16
CA ARG D 17 -46.44 -21.59 -27.56
C ARG D 17 -45.52 -20.61 -28.27
N GLY D 18 -45.39 -20.76 -29.58
CA GLY D 18 -44.58 -19.86 -30.41
C GLY D 18 -43.10 -20.25 -30.52
N GLU D 19 -42.29 -19.33 -31.04
CA GLU D 19 -40.84 -19.52 -31.21
C GLU D 19 -40.12 -19.91 -29.91
N PRO D 20 -39.00 -20.65 -30.02
CA PRO D 20 -38.23 -20.90 -28.80
C PRO D 20 -37.71 -19.59 -28.18
N ARG D 21 -37.64 -19.56 -26.86
CA ARG D 21 -37.03 -18.43 -26.15
C ARG D 21 -35.53 -18.46 -26.44
N PHE D 22 -34.93 -17.30 -26.70
CA PHE D 22 -33.48 -17.21 -26.89
C PHE D 22 -32.87 -16.08 -26.05
N ILE D 23 -31.93 -16.43 -25.20
CA ILE D 23 -31.23 -15.45 -24.36
C ILE D 23 -29.72 -15.57 -24.57
N ALA D 24 -29.08 -14.45 -24.92
CA ALA D 24 -27.63 -14.36 -25.07
C ALA D 24 -27.11 -13.33 -24.08
N VAL D 25 -26.01 -13.65 -23.40
CA VAL D 25 -25.33 -12.68 -22.52
C VAL D 25 -23.83 -12.71 -22.76
N GLY D 26 -23.19 -11.55 -22.67
CA GLY D 26 -21.74 -11.45 -22.78
C GLY D 26 -21.12 -10.98 -21.49
N TYR D 27 -19.97 -11.57 -21.11
CA TYR D 27 -19.24 -11.19 -19.91
C TYR D 27 -17.79 -10.85 -20.21
N VAL D 28 -17.25 -9.89 -19.46
CA VAL D 28 -15.79 -9.75 -19.34
C VAL D 28 -15.50 -10.07 -17.88
N ASP D 29 -14.72 -11.12 -17.66
CA ASP D 29 -14.54 -11.62 -16.28
C ASP D 29 -15.90 -11.86 -15.65
N ASP D 30 -16.12 -11.25 -14.48
CA ASP D 30 -17.31 -11.44 -13.66
C ASP D 30 -18.34 -10.34 -13.92
N THR D 31 -18.15 -9.56 -14.99
CA THR D 31 -19.05 -8.41 -15.31
C THR D 31 -19.83 -8.60 -16.63
N GLN D 32 -21.15 -8.65 -16.54
CA GLN D 32 -21.98 -8.77 -17.74
C GLN D 32 -21.91 -7.43 -18.47
N PHE D 33 -21.85 -7.46 -19.81
CA PHE D 33 -21.78 -6.18 -20.55
C PHE D 33 -22.81 -6.04 -21.69
N VAL D 34 -23.35 -7.16 -22.16
CA VAL D 34 -24.37 -7.13 -23.18
C VAL D 34 -25.45 -8.22 -22.97
N ARG D 35 -26.64 -8.00 -23.52
CA ARG D 35 -27.68 -9.03 -23.54
C ARG D 35 -28.55 -8.98 -24.81
N PHE D 36 -29.16 -10.11 -25.15
CA PHE D 36 -30.24 -10.13 -26.12
C PHE D 36 -31.27 -11.09 -25.56
N ASP D 37 -32.55 -10.68 -25.62
CA ASP D 37 -33.63 -11.54 -25.19
C ASP D 37 -34.71 -11.56 -26.27
N SER D 38 -35.01 -12.77 -26.81
CA SER D 38 -36.00 -12.96 -27.88
C SER D 38 -37.39 -12.40 -27.53
N ASP D 39 -37.73 -12.37 -26.25
CA ASP D 39 -39.04 -11.92 -25.79
C ASP D 39 -39.14 -10.44 -25.43
N ALA D 40 -38.02 -9.72 -25.54
CA ALA D 40 -38.00 -8.28 -25.29
C ALA D 40 -38.44 -7.53 -26.55
N ALA D 41 -38.90 -6.29 -26.37
CA ALA D 41 -39.47 -5.53 -27.47
C ALA D 41 -38.45 -5.01 -28.49
N SER D 42 -37.25 -4.66 -28.01
CA SER D 42 -36.22 -4.01 -28.83
C SER D 42 -35.72 -4.84 -30.02
N GLN D 43 -35.57 -6.14 -29.82
CA GLN D 43 -34.97 -7.03 -30.83
C GLN D 43 -33.59 -6.55 -31.23
N ARG D 44 -32.86 -5.97 -30.28
CA ARG D 44 -31.49 -5.57 -30.50
C ARG D 44 -30.60 -6.08 -29.39
N MET D 45 -29.31 -6.16 -29.68
CA MET D 45 -28.32 -6.34 -28.62
C MET D 45 -28.32 -5.07 -27.79
N GLU D 46 -28.35 -5.20 -26.45
CA GLU D 46 -28.43 -4.05 -25.52
C GLU D 46 -27.25 -4.04 -24.53
N PRO D 47 -26.76 -2.81 -24.14
CA PRO D 47 -25.70 -2.67 -23.14
C PRO D 47 -26.18 -3.07 -21.74
N ARG D 48 -25.28 -3.64 -20.95
CA ARG D 48 -25.56 -3.94 -19.53
C ARG D 48 -24.45 -3.46 -18.59
N ALA D 49 -23.44 -2.79 -19.16
CA ALA D 49 -22.38 -2.10 -18.38
C ALA D 49 -22.14 -0.71 -18.98
N PRO D 50 -21.87 0.31 -18.16
CA PRO D 50 -21.67 1.66 -18.71
C PRO D 50 -20.50 1.83 -19.69
N TRP D 51 -19.42 1.08 -19.51
CA TRP D 51 -18.27 1.18 -20.41
C TRP D 51 -18.51 0.70 -21.86
N ILE D 52 -19.60 -0.02 -22.13
CA ILE D 52 -19.89 -0.41 -23.51
C ILE D 52 -20.90 0.56 -24.20
N GLU D 53 -21.50 1.44 -23.40
CA GLU D 53 -22.50 2.37 -23.93
C GLU D 53 -21.90 3.33 -24.97
N GLN D 54 -20.60 3.63 -24.83
CA GLN D 54 -19.87 4.53 -25.75
C GLN D 54 -19.56 3.93 -27.13
N GLU D 55 -19.67 2.61 -27.28
CA GLU D 55 -19.56 1.99 -28.60
C GLU D 55 -20.61 2.64 -29.51
N GLY D 56 -20.28 2.89 -30.75
CA GLY D 56 -21.22 3.61 -31.64
C GLY D 56 -22.26 2.72 -32.30
N PRO D 57 -23.11 3.30 -33.17
CA PRO D 57 -24.18 2.56 -33.88
C PRO D 57 -23.68 1.40 -34.76
N GLU D 58 -22.48 1.52 -35.33
CA GLU D 58 -21.92 0.45 -36.14
C GLU D 58 -21.74 -0.81 -35.24
N TYR D 59 -21.20 -0.59 -34.05
CA TYR D 59 -21.02 -1.67 -33.06
C TYR D 59 -22.35 -2.34 -32.74
N TRP D 60 -23.35 -1.56 -32.30
CA TRP D 60 -24.67 -2.10 -31.93
C TRP D 60 -25.42 -2.72 -33.11
N ASP D 61 -25.36 -2.11 -34.30
CA ASP D 61 -26.01 -2.72 -35.45
C ASP D 61 -25.43 -4.09 -35.80
N GLY D 62 -24.09 -4.17 -35.78
CA GLY D 62 -23.35 -5.39 -36.10
C GLY D 62 -23.58 -6.49 -35.07
N GLU D 63 -23.58 -6.13 -33.78
CA GLU D 63 -23.84 -7.13 -32.73
C GLU D 63 -25.29 -7.63 -32.81
N THR D 64 -26.22 -6.74 -33.12
CA THR D 64 -27.62 -7.14 -33.38
C THR D 64 -27.76 -8.10 -34.55
N ARG D 65 -27.15 -7.77 -35.69
CA ARG D 65 -27.12 -8.66 -36.85
C ARG D 65 -26.61 -10.05 -36.46
N LYS D 66 -25.45 -10.09 -35.81
CA LYS D 66 -24.80 -11.36 -35.45
C LYS D 66 -25.60 -12.17 -34.42
N VAL D 67 -26.16 -11.51 -33.42
CA VAL D 67 -26.93 -12.21 -32.38
C VAL D 67 -28.24 -12.78 -32.97
N LYS D 68 -28.84 -12.09 -33.95
CA LYS D 68 -29.98 -12.62 -34.69
C LYS D 68 -29.62 -13.90 -35.46
N ALA D 69 -28.43 -13.91 -36.07
CA ALA D 69 -27.89 -15.09 -36.74
C ALA D 69 -27.67 -16.26 -35.77
N HIS D 70 -27.13 -15.97 -34.58
CA HIS D 70 -26.99 -16.96 -33.51
C HIS D 70 -28.36 -17.54 -33.10
N SER D 71 -29.36 -16.66 -33.04
CA SER D 71 -30.72 -17.07 -32.67
C SER D 71 -31.32 -18.07 -33.68
N GLN D 72 -31.22 -17.75 -34.97
CA GLN D 72 -31.75 -18.64 -36.01
C GLN D 72 -31.01 -19.98 -36.04
N THR D 73 -29.69 -19.94 -35.82
CA THR D 73 -28.91 -21.16 -35.71
C THR D 73 -29.50 -22.08 -34.63
N HIS D 74 -29.78 -21.52 -33.46
CA HIS D 74 -30.35 -22.28 -32.36
C HIS D 74 -31.75 -22.82 -32.68
N ARG D 75 -32.53 -22.06 -33.44
CA ARG D 75 -33.88 -22.48 -33.85
C ARG D 75 -33.82 -23.74 -34.74
N VAL D 76 -32.88 -23.74 -35.67
CA VAL D 76 -32.62 -24.89 -36.53
C VAL D 76 -32.03 -26.05 -35.73
N ASP D 77 -31.05 -25.77 -34.86
CA ASP D 77 -30.43 -26.80 -34.01
C ASP D 77 -31.41 -27.58 -33.15
N LEU D 78 -32.44 -26.90 -32.63
CA LEU D 78 -33.43 -27.56 -31.77
C LEU D 78 -34.15 -28.64 -32.58
N GLY D 79 -34.47 -28.32 -33.83
CA GLY D 79 -35.08 -29.29 -34.77
C GLY D 79 -34.18 -30.48 -35.05
N THR D 80 -32.92 -30.20 -35.41
CA THR D 80 -31.93 -31.23 -35.69
C THR D 80 -31.76 -32.21 -34.51
N LEU D 81 -31.61 -31.67 -33.30
CA LEU D 81 -31.42 -32.49 -32.10
C LEU D 81 -32.62 -33.38 -31.74
N ARG D 82 -33.83 -32.83 -31.89
CA ARG D 82 -35.06 -33.59 -31.64
C ARG D 82 -35.10 -34.84 -32.55
N GLY D 83 -34.79 -34.64 -33.84
CA GLY D 83 -34.61 -35.75 -34.77
C GLY D 83 -33.57 -36.77 -34.34
N TYR D 84 -32.35 -36.31 -34.02
CA TYR D 84 -31.24 -37.19 -33.65
C TYR D 84 -31.57 -38.12 -32.49
N TYR D 85 -32.34 -37.61 -31.53
CA TYR D 85 -32.63 -38.35 -30.31
C TYR D 85 -34.02 -39.00 -30.33
N ASN D 86 -34.70 -38.91 -31.47
CA ASN D 86 -35.95 -39.62 -31.71
C ASN D 86 -37.03 -39.07 -30.78
N GLN D 87 -37.08 -37.74 -30.68
CA GLN D 87 -37.93 -37.09 -29.68
C GLN D 87 -39.23 -36.56 -30.23
N SER D 88 -40.26 -36.62 -29.39
CA SER D 88 -41.57 -36.08 -29.72
C SER D 88 -41.53 -34.54 -29.88
N GLU D 89 -42.49 -34.01 -30.63
CA GLU D 89 -42.57 -32.57 -30.87
C GLU D 89 -43.25 -31.83 -29.70
N ALA D 90 -43.64 -32.59 -28.69
CA ALA D 90 -44.47 -32.10 -27.58
C ALA D 90 -43.70 -31.49 -26.40
N GLY D 91 -42.55 -32.07 -26.08
CA GLY D 91 -41.78 -31.66 -24.92
C GLY D 91 -40.87 -30.45 -25.14
N SER D 92 -40.57 -29.74 -24.04
CA SER D 92 -39.64 -28.60 -24.07
C SER D 92 -38.22 -29.12 -23.90
N HIS D 93 -37.30 -28.62 -24.73
CA HIS D 93 -35.89 -28.97 -24.66
C HIS D 93 -35.00 -27.73 -24.63
N THR D 94 -33.80 -27.91 -24.08
CA THR D 94 -32.83 -26.80 -23.93
C THR D 94 -31.54 -27.07 -24.70
N VAL D 95 -31.11 -26.07 -25.46
CA VAL D 95 -29.76 -26.06 -26.03
C VAL D 95 -28.99 -24.92 -25.38
N GLN D 96 -27.73 -25.18 -25.05
CA GLN D 96 -26.88 -24.12 -24.49
C GLN D 96 -25.56 -24.14 -25.22
N ARG D 97 -24.99 -22.96 -25.37
CA ARG D 97 -23.74 -22.82 -26.10
C ARG D 97 -22.91 -21.78 -25.35
N MET D 98 -21.62 -22.03 -25.21
CA MET D 98 -20.69 -21.06 -24.59
C MET D 98 -19.42 -21.03 -25.42
N TYR D 99 -18.91 -19.82 -25.68
CA TYR D 99 -17.59 -19.69 -26.28
C TYR D 99 -16.89 -18.44 -25.78
N GLY D 100 -15.57 -18.41 -25.93
CA GLY D 100 -14.78 -17.30 -25.42
C GLY D 100 -13.29 -17.61 -25.30
N CYS D 101 -12.55 -16.69 -24.67
CA CYS D 101 -11.10 -16.82 -24.56
C CYS D 101 -10.62 -16.34 -23.20
N ASP D 102 -9.57 -16.98 -22.69
CA ASP D 102 -8.89 -16.53 -21.48
C ASP D 102 -7.56 -15.89 -21.87
N VAL D 103 -7.13 -14.89 -21.10
CA VAL D 103 -5.76 -14.33 -21.21
C VAL D 103 -5.14 -14.24 -19.81
N GLY D 104 -3.80 -14.25 -19.74
CA GLY D 104 -3.09 -14.06 -18.46
C GLY D 104 -2.91 -12.61 -18.06
N SER D 105 -2.06 -12.38 -17.07
CA SER D 105 -1.78 -11.04 -16.58
C SER D 105 -1.11 -10.20 -17.67
N ASP D 106 -0.47 -10.88 -18.63
CA ASP D 106 0.17 -10.24 -19.79
C ASP D 106 -0.81 -9.97 -20.94
N TRP D 107 -2.08 -10.37 -20.73
CA TRP D 107 -3.14 -10.18 -21.73
C TRP D 107 -2.87 -11.02 -23.00
N ARG D 108 -2.05 -12.07 -22.87
CA ARG D 108 -1.85 -12.98 -23.98
C ARG D 108 -2.77 -14.18 -23.87
N PHE D 109 -3.17 -14.69 -25.03
CA PHE D 109 -4.01 -15.88 -25.14
C PHE D 109 -3.46 -17.04 -24.32
N LEU D 110 -4.34 -17.61 -23.50
CA LEU D 110 -4.05 -18.74 -22.64
C LEU D 110 -4.84 -19.97 -23.10
N ARG D 111 -6.13 -19.78 -23.39
CA ARG D 111 -6.99 -20.85 -23.91
C ARG D 111 -8.30 -20.33 -24.55
N GLY D 112 -8.89 -21.14 -25.43
CA GLY D 112 -10.17 -20.79 -26.09
C GLY D 112 -11.15 -21.93 -25.87
N TYR D 113 -12.45 -21.62 -25.96
CA TYR D 113 -13.52 -22.59 -25.74
C TYR D 113 -14.62 -22.38 -26.75
N HIS D 114 -15.30 -23.49 -27.11
CA HIS D 114 -16.56 -23.45 -27.82
C HIS D 114 -17.26 -24.79 -27.57
N GLN D 115 -18.36 -24.75 -26.83
CA GLN D 115 -19.00 -25.98 -26.45
C GLN D 115 -20.51 -25.86 -26.38
N TYR D 116 -21.19 -27.01 -26.51
CA TYR D 116 -22.64 -27.12 -26.66
C TYR D 116 -23.15 -28.19 -25.69
N ALA D 117 -24.34 -27.96 -25.15
CA ALA D 117 -25.06 -28.92 -24.32
C ALA D 117 -26.51 -29.02 -24.78
N TYR D 118 -27.04 -30.24 -24.66
CA TYR D 118 -28.45 -30.51 -24.93
C TYR D 118 -29.06 -31.08 -23.65
N ASP D 119 -30.14 -30.43 -23.18
CA ASP D 119 -30.83 -30.85 -21.98
C ASP D 119 -29.86 -31.04 -20.79
N GLY D 120 -28.91 -30.11 -20.67
CA GLY D 120 -28.05 -30.03 -19.52
C GLY D 120 -26.91 -31.02 -19.49
N LYS D 121 -26.66 -31.69 -20.62
CA LYS D 121 -25.59 -32.69 -20.76
C LYS D 121 -24.65 -32.25 -21.89
N ASP D 122 -23.35 -32.43 -21.69
CA ASP D 122 -22.37 -32.21 -22.79
C ASP D 122 -22.87 -32.82 -24.09
N TYR D 123 -22.71 -32.09 -25.19
CA TYR D 123 -23.01 -32.63 -26.53
C TYR D 123 -21.73 -32.67 -27.40
N ILE D 124 -21.17 -31.50 -27.69
CA ILE D 124 -19.90 -31.39 -28.42
C ILE D 124 -19.11 -30.21 -27.89
N ALA D 125 -17.78 -30.38 -27.83
CA ALA D 125 -16.90 -29.38 -27.30
C ALA D 125 -15.60 -29.33 -28.09
N LEU D 126 -15.16 -28.13 -28.41
CA LEU D 126 -13.84 -27.95 -29.02
C LEU D 126 -12.76 -28.27 -27.98
N LYS D 127 -11.80 -29.13 -28.34
CA LYS D 127 -10.66 -29.44 -27.44
C LYS D 127 -9.66 -28.30 -27.29
N GLU D 128 -8.78 -28.41 -26.28
CA GLU D 128 -7.83 -27.34 -25.95
C GLU D 128 -6.93 -26.96 -27.11
N ASP D 129 -6.60 -27.91 -27.99
CA ASP D 129 -5.70 -27.61 -29.10
C ASP D 129 -6.35 -26.77 -30.22
N LEU D 130 -7.66 -26.57 -30.10
CA LEU D 130 -8.46 -25.82 -31.08
C LEU D 130 -8.49 -26.51 -32.44
N ARG D 131 -8.14 -27.79 -32.46
CA ARG D 131 -8.04 -28.53 -33.72
C ARG D 131 -8.94 -29.77 -33.83
N SER D 132 -9.60 -30.14 -32.73
CA SER D 132 -10.41 -31.35 -32.70
C SER D 132 -11.58 -31.22 -31.72
N TRP D 133 -12.53 -32.15 -31.84
CA TRP D 133 -13.79 -32.11 -31.09
C TRP D 133 -13.96 -33.31 -30.16
N THR D 134 -14.60 -33.08 -29.02
CA THR D 134 -15.01 -34.15 -28.12
C THR D 134 -16.50 -34.30 -28.29
N ALA D 135 -16.90 -35.43 -28.88
CA ALA D 135 -18.29 -35.79 -29.01
C ALA D 135 -18.69 -36.63 -27.79
N ALA D 136 -19.75 -36.21 -27.10
CA ALA D 136 -20.13 -36.78 -25.80
C ALA D 136 -20.80 -38.15 -25.91
N ASP D 137 -21.42 -38.40 -27.07
CA ASP D 137 -22.20 -39.61 -27.35
C ASP D 137 -22.24 -39.94 -28.84
N MET D 138 -23.01 -40.99 -29.20
CA MET D 138 -23.12 -41.43 -30.59
C MET D 138 -23.73 -40.40 -31.56
N ALA D 139 -24.81 -39.74 -31.15
CA ALA D 139 -25.42 -38.67 -31.96
C ALA D 139 -24.44 -37.53 -32.26
N ALA D 140 -23.65 -37.13 -31.27
CA ALA D 140 -22.69 -36.05 -31.44
C ALA D 140 -21.54 -36.41 -32.40
N GLN D 141 -21.19 -37.69 -32.51
CA GLN D 141 -20.16 -38.15 -33.48
C GLN D 141 -20.56 -37.75 -34.91
N THR D 142 -21.87 -37.67 -35.17
CA THR D 142 -22.37 -37.20 -36.45
C THR D 142 -22.09 -35.71 -36.71
N THR D 143 -22.40 -34.87 -35.72
CA THR D 143 -22.04 -33.46 -35.76
C THR D 143 -20.53 -33.28 -35.92
N LYS D 144 -19.75 -34.07 -35.17
CA LYS D 144 -18.30 -34.05 -35.26
C LYS D 144 -17.81 -34.25 -36.70
N HIS D 145 -18.26 -35.33 -37.35
CA HIS D 145 -17.89 -35.56 -38.76
C HIS D 145 -18.26 -34.41 -39.70
N LYS D 146 -19.48 -33.88 -39.57
CA LYS D 146 -19.91 -32.75 -40.38
C LYS D 146 -18.99 -31.53 -40.19
N TRP D 147 -18.70 -31.23 -38.93
CA TRP D 147 -17.85 -30.06 -38.60
C TRP D 147 -16.38 -30.24 -39.01
N GLU D 148 -15.89 -31.47 -38.91
CA GLU D 148 -14.59 -31.81 -39.47
C GLU D 148 -14.55 -31.57 -41.00
N ALA D 149 -15.54 -32.09 -41.74
CA ALA D 149 -15.58 -31.95 -43.22
C ALA D 149 -15.67 -30.49 -43.68
N ALA D 150 -16.34 -29.65 -42.88
CA ALA D 150 -16.55 -28.25 -43.23
C ALA D 150 -15.51 -27.29 -42.58
N HIS D 151 -14.50 -27.85 -41.93
CA HIS D 151 -13.41 -27.06 -41.31
C HIS D 151 -13.91 -25.98 -40.30
N VAL D 152 -14.90 -26.38 -39.50
CA VAL D 152 -15.51 -25.49 -38.51
C VAL D 152 -14.49 -25.06 -37.44
N ALA D 153 -13.68 -26.02 -36.96
CA ALA D 153 -12.70 -25.75 -35.92
C ALA D 153 -11.67 -24.72 -36.37
N GLU D 154 -11.25 -24.80 -37.63
CA GLU D 154 -10.28 -23.83 -38.16
C GLU D 154 -10.79 -22.41 -38.14
N GLN D 155 -12.04 -22.22 -38.55
CA GLN D 155 -12.67 -20.89 -38.53
C GLN D 155 -12.77 -20.37 -37.09
N LEU D 156 -13.19 -21.25 -36.17
CA LEU D 156 -13.31 -20.88 -34.76
C LEU D 156 -11.97 -20.50 -34.18
N ARG D 157 -10.93 -21.27 -34.50
CA ARG D 157 -9.61 -20.97 -33.96
C ARG D 157 -9.12 -19.53 -34.28
N ALA D 158 -9.33 -19.08 -35.52
CA ALA D 158 -8.96 -17.70 -35.93
C ALA D 158 -9.67 -16.68 -35.03
N TYR D 159 -10.93 -16.94 -34.71
CA TYR D 159 -11.68 -16.03 -33.83
C TYR D 159 -11.15 -16.10 -32.39
N LEU D 160 -11.01 -17.31 -31.85
CA LEU D 160 -10.71 -17.48 -30.43
C LEU D 160 -9.34 -16.92 -30.07
N GLU D 161 -8.37 -17.12 -30.98
CA GLU D 161 -6.98 -16.71 -30.72
C GLU D 161 -6.74 -15.26 -31.13
N GLY D 162 -7.57 -14.76 -32.03
CA GLY D 162 -7.36 -13.44 -32.61
C GLY D 162 -8.40 -12.45 -32.15
N THR D 163 -9.51 -12.41 -32.90
CA THR D 163 -10.60 -11.46 -32.67
C THR D 163 -11.04 -11.38 -31.20
N CYS D 164 -11.23 -12.56 -30.59
CA CYS D 164 -11.71 -12.66 -29.19
C CYS D 164 -10.74 -11.91 -28.24
N VAL D 165 -9.44 -12.13 -28.45
CA VAL D 165 -8.42 -11.52 -27.61
C VAL D 165 -8.35 -10.01 -27.89
N GLU D 166 -8.38 -9.64 -29.17
CA GLU D 166 -8.32 -8.21 -29.54
C GLU D 166 -9.43 -7.43 -28.84
N TRP D 167 -10.67 -7.95 -28.94
CA TRP D 167 -11.83 -7.28 -28.34
C TRP D 167 -11.77 -7.28 -26.82
N LEU D 168 -11.34 -8.39 -26.23
CA LEU D 168 -11.22 -8.47 -24.76
C LEU D 168 -10.24 -7.39 -24.27
N ARG D 169 -9.10 -7.30 -24.94
CA ARG D 169 -8.13 -6.21 -24.65
C ARG D 169 -8.75 -4.82 -24.78
N ARG D 170 -9.58 -4.61 -25.80
CA ARG D 170 -10.20 -3.30 -26.02
C ARG D 170 -11.12 -2.99 -24.86
N TYR D 171 -11.96 -3.98 -24.50
CA TYR D 171 -12.92 -3.81 -23.42
C TYR D 171 -12.21 -3.56 -22.07
N LEU D 172 -11.09 -4.26 -21.80
CA LEU D 172 -10.34 -4.07 -20.55
C LEU D 172 -9.84 -2.65 -20.42
N GLU D 173 -9.38 -2.10 -21.52
CA GLU D 173 -8.89 -0.72 -21.49
C GLU D 173 -10.02 0.32 -21.42
N ASN D 174 -11.05 0.16 -22.24
CA ASN D 174 -12.20 1.08 -22.19
C ASN D 174 -12.96 1.07 -20.86
N GLY D 175 -13.07 -0.11 -20.24
CA GLY D 175 -13.68 -0.24 -18.89
C GLY D 175 -12.71 -0.36 -17.73
N LYS D 176 -11.51 0.21 -17.88
CA LYS D 176 -10.41 0.01 -16.94
C LYS D 176 -10.72 0.42 -15.51
N GLU D 177 -11.47 1.51 -15.34
CA GLU D 177 -11.89 1.96 -14.00
C GLU D 177 -12.56 0.86 -13.17
N THR D 178 -13.28 -0.03 -13.85
CA THR D 178 -14.03 -1.08 -13.19
C THR D 178 -13.31 -2.41 -13.37
N LEU D 179 -12.97 -2.72 -14.60
CA LEU D 179 -12.47 -4.03 -14.97
C LEU D 179 -11.06 -4.36 -14.48
N GLN D 180 -10.22 -3.33 -14.36
CA GLN D 180 -8.82 -3.52 -13.95
C GLN D 180 -8.59 -3.11 -12.50
N ARG D 181 -9.68 -2.94 -11.74
CA ARG D 181 -9.54 -2.63 -10.32
C ARG D 181 -9.39 -3.91 -9.50
N THR D 182 -8.77 -3.76 -8.34
CA THR D 182 -8.85 -4.83 -7.33
C THR D 182 -9.38 -4.23 -6.05
N ASP D 183 -10.56 -4.70 -5.62
CA ASP D 183 -11.09 -4.33 -4.32
C ASP D 183 -10.84 -5.52 -3.40
N ALA D 184 -9.87 -5.35 -2.50
CA ALA D 184 -9.62 -6.31 -1.41
C ALA D 184 -10.85 -6.45 -0.53
N PRO D 185 -11.10 -7.66 -0.01
CA PRO D 185 -12.30 -7.82 0.80
C PRO D 185 -12.21 -7.05 2.12
N LYS D 186 -13.34 -6.53 2.55
CA LYS D 186 -13.50 -6.05 3.90
C LYS D 186 -13.91 -7.24 4.78
N THR D 187 -13.12 -7.51 5.82
CA THR D 187 -13.32 -8.69 6.66
C THR D 187 -13.77 -8.38 8.09
N HIS D 188 -14.51 -9.32 8.65
CA HIS D 188 -14.86 -9.29 10.06
C HIS D 188 -15.36 -10.66 10.47
N MET D 189 -15.40 -10.88 11.78
CA MET D 189 -15.94 -12.12 12.35
C MET D 189 -17.10 -11.75 13.27
N THR D 190 -18.07 -12.66 13.34
CA THR D 190 -19.14 -12.57 14.31
C THR D 190 -19.14 -13.81 15.20
N HIS D 191 -19.63 -13.64 16.42
CA HIS D 191 -19.71 -14.70 17.40
C HIS D 191 -21.15 -14.76 17.89
N HIS D 192 -21.74 -15.95 17.86
CA HIS D 192 -23.14 -16.12 18.29
C HIS D 192 -23.30 -17.44 19.06
N ALA D 193 -23.77 -17.33 20.30
CA ALA D 193 -23.90 -18.50 21.17
C ALA D 193 -25.03 -19.41 20.72
N VAL D 194 -24.67 -20.65 20.40
CA VAL D 194 -25.63 -21.68 19.99
C VAL D 194 -26.41 -22.12 21.25
N SER D 195 -25.64 -22.37 22.32
CA SER D 195 -26.14 -22.83 23.60
C SER D 195 -25.11 -22.37 24.65
N ASP D 196 -25.16 -22.90 25.87
CA ASP D 196 -24.13 -22.56 26.84
C ASP D 196 -22.81 -23.34 26.62
N HIS D 197 -22.81 -24.30 25.69
CA HIS D 197 -21.62 -25.11 25.41
C HIS D 197 -20.99 -24.95 24.03
N GLU D 198 -21.63 -24.19 23.13
CA GLU D 198 -21.09 -23.96 21.77
C GLU D 198 -21.40 -22.56 21.28
N ALA D 199 -20.53 -22.04 20.38
CA ALA D 199 -20.76 -20.77 19.71
C ALA D 199 -20.40 -20.94 18.24
N THR D 200 -21.09 -20.18 17.39
CA THR D 200 -20.74 -20.12 15.96
C THR D 200 -19.79 -18.97 15.74
N LEU D 201 -18.66 -19.25 15.09
CA LEU D 201 -17.79 -18.18 14.61
C LEU D 201 -17.97 -18.14 13.09
N ARG D 202 -18.28 -16.95 12.58
CA ARG D 202 -18.47 -16.76 11.12
C ARG D 202 -17.49 -15.71 10.63
N CYS D 203 -16.79 -16.06 9.55
CA CYS D 203 -15.79 -15.18 8.98
C CYS D 203 -16.35 -14.64 7.68
N TRP D 204 -16.43 -13.32 7.57
CA TRP D 204 -17.00 -12.65 6.41
C TRP D 204 -15.98 -11.97 5.52
N ALA D 205 -16.20 -12.10 4.19
CA ALA D 205 -15.47 -11.31 3.19
C ALA D 205 -16.51 -10.57 2.35
N LEU D 206 -16.41 -9.23 2.32
CA LEU D 206 -17.41 -8.35 1.68
C LEU D 206 -16.80 -7.37 0.70
N SER D 207 -17.58 -6.99 -0.31
CA SER D 207 -17.26 -5.87 -1.19
C SER D 207 -15.94 -6.09 -1.96
N PHE D 208 -15.68 -7.35 -2.31
CA PHE D 208 -14.47 -7.69 -3.06
C PHE D 208 -14.66 -7.82 -4.56
N TYR D 209 -13.57 -7.55 -5.27
CA TYR D 209 -13.50 -7.73 -6.72
C TYR D 209 -12.05 -7.93 -7.16
N PRO D 210 -11.80 -8.93 -8.03
CA PRO D 210 -12.70 -9.88 -8.68
C PRO D 210 -13.27 -10.98 -7.74
N ALA D 211 -14.08 -11.87 -8.27
CA ALA D 211 -14.83 -12.86 -7.45
C ALA D 211 -13.95 -13.92 -6.82
N GLU D 212 -12.82 -14.21 -7.47
CA GLU D 212 -11.88 -15.25 -6.97
C GLU D 212 -11.42 -14.96 -5.55
N ILE D 213 -11.61 -15.94 -4.65
CA ILE D 213 -11.18 -15.79 -3.25
C ILE D 213 -11.05 -17.18 -2.59
N THR D 214 -10.17 -17.25 -1.59
CA THR D 214 -10.05 -18.45 -0.73
C THR D 214 -10.32 -18.03 0.72
N LEU D 215 -11.27 -18.72 1.34
CA LEU D 215 -11.70 -18.42 2.70
C LEU D 215 -11.83 -19.75 3.44
N THR D 216 -11.04 -19.89 4.52
CA THR D 216 -11.00 -21.15 5.26
C THR D 216 -10.89 -20.89 6.77
N TRP D 217 -11.25 -21.91 7.56
CA TRP D 217 -10.97 -21.94 8.99
C TRP D 217 -9.92 -23.03 9.29
N GLN D 218 -9.07 -22.75 10.27
CA GLN D 218 -8.13 -23.72 10.85
C GLN D 218 -8.29 -23.82 12.37
N ARG D 219 -7.90 -24.97 12.94
CA ARG D 219 -7.88 -25.12 14.40
C ARG D 219 -6.44 -25.58 14.75
N ASP D 220 -5.80 -24.87 15.66
CA ASP D 220 -4.36 -25.07 15.92
C ASP D 220 -3.54 -25.07 14.59
N GLY D 221 -3.96 -24.26 13.61
CA GLY D 221 -3.35 -24.26 12.27
C GLY D 221 -3.56 -25.44 11.36
N GLU D 222 -4.50 -26.33 11.73
CA GLU D 222 -4.81 -27.55 10.97
C GLU D 222 -6.15 -27.47 10.27
N ASP D 223 -6.29 -28.31 9.24
CA ASP D 223 -7.48 -28.37 8.37
C ASP D 223 -8.78 -28.53 9.12
N GLN D 224 -9.79 -27.74 8.70
CA GLN D 224 -11.13 -27.86 9.23
C GLN D 224 -12.18 -27.95 8.13
N THR D 225 -11.79 -28.42 6.94
CA THR D 225 -12.70 -28.39 5.76
C THR D 225 -14.05 -29.06 6.03
N GLN D 226 -14.02 -30.26 6.63
CA GLN D 226 -15.24 -31.02 6.88
C GLN D 226 -16.09 -30.42 7.96
N ASP D 227 -15.50 -29.52 8.76
CA ASP D 227 -16.24 -28.87 9.85
C ASP D 227 -16.60 -27.43 9.57
N THR D 228 -16.35 -26.99 8.34
CA THR D 228 -16.63 -25.60 7.96
C THR D 228 -17.87 -25.59 7.03
N GLU D 229 -18.80 -24.68 7.32
CA GLU D 229 -19.89 -24.34 6.38
C GLU D 229 -19.37 -23.18 5.55
N LEU D 230 -19.23 -23.43 4.25
CA LEU D 230 -18.67 -22.46 3.32
C LEU D 230 -19.69 -22.19 2.22
N VAL D 231 -20.22 -20.97 2.13
CA VAL D 231 -21.25 -20.68 1.11
C VAL D 231 -20.63 -20.36 -0.24
N GLU D 232 -21.39 -20.56 -1.32
CA GLU D 232 -20.89 -20.14 -2.64
C GLU D 232 -20.65 -18.63 -2.69
N THR D 233 -19.62 -18.21 -3.38
CA THR D 233 -19.39 -16.77 -3.64
C THR D 233 -20.59 -16.20 -4.36
N ARG D 234 -21.09 -15.05 -3.89
CA ARG D 234 -22.40 -14.57 -4.34
C ARG D 234 -22.31 -13.10 -4.70
N PRO D 235 -23.05 -12.67 -5.74
CA PRO D 235 -23.00 -11.25 -6.17
C PRO D 235 -23.75 -10.35 -5.17
N ALA D 236 -23.12 -9.22 -4.80
CA ALA D 236 -23.79 -8.23 -3.98
C ALA D 236 -24.87 -7.43 -4.74
N GLY D 237 -24.74 -7.37 -6.07
CA GLY D 237 -25.64 -6.64 -6.96
C GLY D 237 -25.07 -5.29 -7.47
N ASP D 238 -23.94 -4.86 -6.88
CA ASP D 238 -23.31 -3.56 -7.17
C ASP D 238 -21.96 -3.72 -7.89
N GLY D 239 -21.72 -4.95 -8.36
CA GLY D 239 -20.51 -5.32 -9.07
C GLY D 239 -19.45 -5.97 -8.21
N THR D 240 -19.70 -6.05 -6.91
CA THR D 240 -18.79 -6.71 -5.94
C THR D 240 -19.37 -8.06 -5.49
N PHE D 241 -18.55 -8.80 -4.72
CA PHE D 241 -18.91 -10.15 -4.28
C PHE D 241 -18.78 -10.29 -2.76
N GLN D 242 -19.42 -11.34 -2.26
CA GLN D 242 -19.45 -11.69 -0.83
C GLN D 242 -19.19 -13.16 -0.64
N LYS D 243 -18.65 -13.51 0.52
CA LYS D 243 -18.56 -14.92 0.90
C LYS D 243 -18.40 -14.98 2.44
N TRP D 244 -18.86 -16.08 2.99
CA TRP D 244 -18.54 -16.39 4.41
C TRP D 244 -18.27 -17.86 4.67
N ALA D 245 -17.57 -18.12 5.79
CA ALA D 245 -17.28 -19.48 6.25
C ALA D 245 -17.56 -19.51 7.75
N ALA D 246 -18.14 -20.59 8.25
CA ALA D 246 -18.42 -20.67 9.70
C ALA D 246 -18.04 -22.00 10.31
N VAL D 247 -17.69 -21.94 11.58
CA VAL D 247 -17.42 -23.14 12.39
C VAL D 247 -18.19 -23.03 13.71
N VAL D 248 -18.65 -24.16 14.22
CA VAL D 248 -19.26 -24.21 15.56
C VAL D 248 -18.14 -24.68 16.54
N VAL D 249 -17.81 -23.83 17.51
CA VAL D 249 -16.65 -23.90 18.43
C VAL D 249 -17.17 -24.33 19.82
N PRO D 250 -16.54 -25.33 20.47
CA PRO D 250 -16.90 -25.46 21.90
C PRO D 250 -16.55 -24.16 22.67
N SER D 251 -17.49 -23.64 23.48
CA SER D 251 -17.26 -22.41 24.27
C SER D 251 -15.93 -22.46 25.06
N GLY D 252 -15.14 -21.39 25.03
CA GLY D 252 -13.79 -21.43 25.63
C GLY D 252 -12.64 -21.85 24.71
N GLN D 253 -12.94 -22.41 23.53
CA GLN D 253 -11.89 -22.79 22.57
C GLN D 253 -11.72 -21.77 21.41
N GLU D 254 -12.40 -20.63 21.51
CA GLU D 254 -12.38 -19.62 20.44
C GLU D 254 -10.97 -19.34 19.92
N GLN D 255 -10.01 -19.23 20.84
CA GLN D 255 -8.66 -18.81 20.48
C GLN D 255 -7.87 -19.87 19.69
N ARG D 256 -8.39 -21.10 19.60
CA ARG D 256 -7.70 -22.13 18.79
C ARG D 256 -7.92 -21.93 17.30
N TYR D 257 -8.99 -21.20 16.98
CA TYR D 257 -9.42 -21.10 15.58
C TYR D 257 -8.92 -19.85 14.88
N THR D 258 -8.56 -20.01 13.61
CA THR D 258 -8.15 -18.87 12.78
C THR D 258 -8.86 -18.88 11.43
N CYS D 259 -9.26 -17.67 10.97
CA CYS D 259 -9.88 -17.52 9.63
C CYS D 259 -8.78 -17.07 8.68
N HIS D 260 -8.69 -17.69 7.51
CA HIS D 260 -7.67 -17.38 6.50
C HIS D 260 -8.29 -16.85 5.19
N VAL D 261 -7.74 -15.74 4.68
CA VAL D 261 -8.31 -15.07 3.51
C VAL D 261 -7.20 -14.78 2.52
N GLN D 262 -7.40 -15.25 1.30
CA GLN D 262 -6.52 -15.00 0.15
C GLN D 262 -7.34 -14.34 -0.96
N HIS D 263 -6.80 -13.26 -1.51
CA HIS D 263 -7.45 -12.50 -2.55
C HIS D 263 -6.40 -11.65 -3.26
N GLU D 264 -6.59 -11.44 -4.55
CA GLU D 264 -5.69 -10.60 -5.40
C GLU D 264 -5.43 -9.20 -4.82
N GLY D 265 -6.40 -8.64 -4.09
CA GLY D 265 -6.29 -7.32 -3.49
C GLY D 265 -5.55 -7.24 -2.16
N LEU D 266 -5.16 -8.40 -1.63
CA LEU D 266 -4.44 -8.47 -0.37
C LEU D 266 -2.95 -8.82 -0.66
N PRO D 267 -2.03 -7.89 -0.35
CA PRO D 267 -0.63 -8.15 -0.69
C PRO D 267 -0.11 -9.39 0.04
N LYS D 268 -0.65 -9.62 1.23
CA LYS D 268 -0.33 -10.79 2.04
C LYS D 268 -1.63 -11.45 2.52
N PRO D 269 -1.66 -12.79 2.55
CA PRO D 269 -2.91 -13.41 3.02
C PRO D 269 -3.20 -13.01 4.46
N LEU D 270 -4.48 -12.94 4.82
CA LEU D 270 -4.88 -12.57 6.16
C LEU D 270 -5.09 -13.81 7.00
N THR D 271 -4.73 -13.67 8.28
CA THR D 271 -5.04 -14.62 9.33
C THR D 271 -5.74 -13.87 10.45
N LEU D 272 -7.00 -14.24 10.71
CA LEU D 272 -7.82 -13.58 11.73
C LEU D 272 -8.15 -14.55 12.88
N ARG D 273 -8.22 -14.02 14.09
CA ARG D 273 -8.42 -14.85 15.29
C ARG D 273 -9.27 -14.08 16.28
N TRP D 274 -10.35 -14.69 16.77
CA TRP D 274 -11.22 -14.05 17.80
C TRP D 274 -10.43 -13.94 19.12
N GLU D 275 -10.01 -12.72 19.47
CA GLU D 275 -9.21 -12.49 20.70
C GLU D 275 -10.10 -11.92 21.78
N PRO D 276 -11.01 -11.15 21.46
N MET E 1 -34.89 -36.87 -18.23
CA MET E 1 -33.92 -35.78 -18.52
C MET E 1 -33.34 -35.19 -17.23
N ILE E 2 -32.17 -34.57 -17.36
CA ILE E 2 -31.47 -33.98 -16.23
C ILE E 2 -32.36 -32.97 -15.52
N GLN E 3 -32.30 -32.98 -14.18
CA GLN E 3 -33.01 -32.04 -13.30
C GLN E 3 -32.12 -31.79 -12.10
N ARG E 4 -31.74 -30.53 -11.88
CA ARG E 4 -30.87 -30.18 -10.76
C ARG E 4 -31.58 -29.14 -9.89
N THR E 5 -31.47 -29.31 -8.56
CA THR E 5 -32.23 -28.49 -7.61
C THR E 5 -31.51 -27.15 -7.37
N PRO E 6 -32.27 -26.01 -7.35
CA PRO E 6 -31.58 -24.73 -7.03
C PRO E 6 -31.02 -24.66 -5.62
N LYS E 7 -29.80 -24.13 -5.52
CA LYS E 7 -29.29 -23.62 -4.26
C LYS E 7 -29.86 -22.22 -4.11
N ILE E 8 -30.05 -21.81 -2.86
CA ILE E 8 -30.74 -20.56 -2.57
C ILE E 8 -30.00 -19.86 -1.46
N GLN E 9 -29.61 -18.59 -1.69
CA GLN E 9 -29.11 -17.71 -0.62
C GLN E 9 -29.93 -16.42 -0.62
N VAL E 10 -30.42 -16.04 0.55
CA VAL E 10 -31.12 -14.75 0.69
C VAL E 10 -30.30 -13.84 1.62
N TYR E 11 -30.05 -12.60 1.20
CA TYR E 11 -29.06 -11.75 1.90
C TYR E 11 -29.17 -10.31 1.42
N SER E 12 -28.64 -9.37 2.21
CA SER E 12 -28.67 -7.95 1.85
C SER E 12 -27.35 -7.54 1.15
N ARG E 13 -27.43 -6.55 0.30
CA ARG E 13 -26.25 -6.05 -0.38
C ARG E 13 -25.25 -5.44 0.63
N HIS E 14 -25.76 -4.63 1.56
CA HIS E 14 -24.92 -4.02 2.62
C HIS E 14 -25.29 -4.61 3.98
N PRO E 15 -24.38 -4.53 4.97
CA PRO E 15 -24.77 -4.97 6.32
C PRO E 15 -26.07 -4.28 6.75
N ALA E 16 -27.01 -5.03 7.31
CA ALA E 16 -28.31 -4.48 7.63
C ALA E 16 -28.17 -3.53 8.80
N GLU E 17 -28.68 -2.33 8.60
CA GLU E 17 -28.79 -1.33 9.67
C GLU E 17 -30.21 -0.82 9.63
N ASN E 18 -30.91 -0.97 10.76
CA ASN E 18 -32.32 -0.60 10.85
C ASN E 18 -32.55 0.84 10.41
N GLY E 19 -33.53 1.04 9.52
CA GLY E 19 -33.88 2.35 8.99
C GLY E 19 -33.01 2.90 7.87
N LYS E 20 -32.04 2.11 7.41
CA LYS E 20 -31.15 2.56 6.32
C LYS E 20 -31.42 1.76 5.03
N SER E 21 -31.51 2.46 3.90
CA SER E 21 -31.85 1.86 2.59
C SER E 21 -30.82 0.81 2.20
N ASN E 22 -31.27 -0.20 1.44
CA ASN E 22 -30.41 -1.36 1.15
C ASN E 22 -31.05 -2.10 -0.03
N PHE E 23 -30.48 -3.25 -0.39
CA PHE E 23 -31.13 -4.15 -1.36
C PHE E 23 -31.22 -5.52 -0.75
N LEU E 24 -32.34 -6.19 -1.01
CA LEU E 24 -32.55 -7.56 -0.59
C LEU E 24 -32.37 -8.42 -1.83
N ASN E 25 -31.46 -9.39 -1.71
CA ASN E 25 -31.08 -10.33 -2.78
C ASN E 25 -31.52 -11.75 -2.52
N CYS E 26 -31.91 -12.43 -3.61
CA CYS E 26 -32.06 -13.88 -3.56
C CYS E 26 -31.31 -14.43 -4.75
N TYR E 27 -30.25 -15.18 -4.47
CA TYR E 27 -29.40 -15.74 -5.48
C TYR E 27 -29.71 -17.24 -5.61
N VAL E 28 -30.15 -17.63 -6.81
CA VAL E 28 -30.52 -19.04 -7.07
C VAL E 28 -29.53 -19.58 -8.11
N SER E 29 -29.01 -20.76 -7.82
CA SER E 29 -27.96 -21.30 -8.66
C SER E 29 -27.97 -22.82 -8.72
N GLY E 30 -27.20 -23.35 -9.65
CA GLY E 30 -27.05 -24.81 -9.75
C GLY E 30 -28.27 -25.58 -10.27
N PHE E 31 -29.25 -24.88 -10.85
CA PHE E 31 -30.48 -25.56 -11.28
C PHE E 31 -30.61 -25.91 -12.77
N HIS E 32 -31.47 -26.88 -13.08
CA HIS E 32 -31.77 -27.26 -14.48
C HIS E 32 -33.09 -28.07 -14.45
N PRO E 33 -34.05 -27.80 -15.37
CA PRO E 33 -34.06 -26.83 -16.48
C PRO E 33 -34.20 -25.37 -16.00
N SER E 34 -34.27 -24.42 -16.93
CA SER E 34 -34.20 -22.99 -16.57
C SER E 34 -35.52 -22.39 -16.05
N ASP E 35 -36.65 -23.04 -16.31
CA ASP E 35 -37.96 -22.60 -15.81
C ASP E 35 -37.95 -22.60 -14.28
N ILE E 36 -38.18 -21.44 -13.65
CA ILE E 36 -38.11 -21.33 -12.18
C ILE E 36 -38.93 -20.12 -11.75
N GLU E 37 -39.49 -20.18 -10.54
CA GLU E 37 -40.25 -19.06 -9.99
C GLU E 37 -39.54 -18.64 -8.70
N VAL E 38 -39.25 -17.34 -8.59
CA VAL E 38 -38.58 -16.82 -7.39
C VAL E 38 -39.29 -15.54 -6.95
N ASP E 39 -39.71 -15.53 -5.69
CA ASP E 39 -40.34 -14.35 -5.10
C ASP E 39 -39.65 -13.95 -3.79
N LEU E 40 -39.62 -12.65 -3.54
CA LEU E 40 -39.18 -12.09 -2.25
C LEU E 40 -40.44 -11.74 -1.46
N LEU E 41 -40.47 -12.08 -0.18
CA LEU E 41 -41.66 -11.86 0.69
C LEU E 41 -41.34 -10.89 1.84
N LYS E 42 -42.23 -9.93 2.13
CA LYS E 42 -42.11 -9.10 3.34
C LYS E 42 -43.29 -9.43 4.25
N ASN E 43 -43.00 -9.94 5.45
CA ASN E 43 -44.06 -10.38 6.37
C ASN E 43 -45.12 -11.22 5.64
N GLY E 44 -44.61 -12.15 4.82
CA GLY E 44 -45.43 -13.13 4.09
C GLY E 44 -46.10 -12.64 2.81
N GLU E 45 -45.97 -11.36 2.51
CA GLU E 45 -46.61 -10.74 1.31
C GLU E 45 -45.60 -10.63 0.17
N ARG E 46 -45.97 -11.14 -1.02
CA ARG E 46 -45.11 -11.12 -2.21
C ARG E 46 -44.76 -9.68 -2.60
N ILE E 47 -43.47 -9.38 -2.71
CA ILE E 47 -43.04 -8.04 -3.12
C ILE E 47 -43.17 -7.89 -4.65
N GLU E 48 -43.72 -6.76 -5.09
CA GLU E 48 -43.94 -6.59 -6.52
C GLU E 48 -42.78 -6.07 -7.35
N LYS E 49 -41.99 -5.15 -6.81
CA LYS E 49 -40.99 -4.54 -7.66
C LYS E 49 -39.69 -5.33 -7.52
N VAL E 50 -39.70 -6.56 -8.05
CA VAL E 50 -38.50 -7.43 -7.99
C VAL E 50 -37.92 -7.65 -9.37
N GLU E 51 -36.66 -7.28 -9.53
CA GLU E 51 -35.95 -7.44 -10.79
C GLU E 51 -35.05 -8.68 -10.72
N HIS E 52 -34.61 -9.16 -11.88
CA HIS E 52 -33.60 -10.22 -11.91
C HIS E 52 -32.58 -10.02 -13.03
N SER E 53 -31.39 -10.60 -12.82
CA SER E 53 -30.34 -10.64 -13.84
C SER E 53 -30.78 -11.46 -15.06
N ASP E 54 -30.07 -11.27 -16.18
CA ASP E 54 -30.32 -12.04 -17.38
C ASP E 54 -29.82 -13.46 -17.17
N LEU E 55 -30.62 -14.44 -17.60
CA LEU E 55 -30.26 -15.85 -17.46
C LEU E 55 -28.84 -16.18 -17.98
N SER E 56 -28.04 -16.80 -17.11
CA SER E 56 -26.72 -17.29 -17.49
C SER E 56 -26.47 -18.65 -16.81
N PHE E 57 -25.31 -19.24 -17.07
CA PHE E 57 -25.00 -20.55 -16.53
C PHE E 57 -23.50 -20.74 -16.26
N SER E 58 -23.21 -21.77 -15.47
CA SER E 58 -21.89 -22.10 -14.98
C SER E 58 -21.19 -23.09 -15.90
N LYS E 59 -19.94 -23.44 -15.58
CA LYS E 59 -19.17 -24.35 -16.42
C LYS E 59 -19.89 -25.67 -16.61
N ASP E 60 -20.49 -26.17 -15.54
CA ASP E 60 -21.25 -27.42 -15.58
C ASP E 60 -22.65 -27.30 -16.23
N TRP E 61 -22.96 -26.15 -16.82
CA TRP E 61 -24.25 -25.91 -17.53
C TRP E 61 -25.46 -25.53 -16.65
N SER E 62 -25.27 -25.62 -15.35
CA SER E 62 -26.34 -25.29 -14.38
C SER E 62 -26.57 -23.79 -14.35
N PHE E 63 -27.84 -23.39 -14.25
CA PHE E 63 -28.24 -21.98 -14.40
C PHE E 63 -28.11 -21.21 -13.07
N TYR E 64 -27.90 -19.89 -13.18
CA TYR E 64 -28.02 -19.03 -12.01
C TYR E 64 -28.70 -17.71 -12.36
N LEU E 65 -29.37 -17.16 -11.35
CA LEU E 65 -30.08 -15.85 -11.44
C LEU E 65 -29.98 -15.12 -10.11
N LEU E 66 -29.89 -13.79 -10.19
CA LEU E 66 -29.96 -12.94 -9.00
C LEU E 66 -31.29 -12.16 -9.08
N TYR E 67 -32.16 -12.35 -8.08
CA TYR E 67 -33.39 -11.57 -7.92
C TYR E 67 -33.12 -10.51 -6.87
N TYR E 68 -33.58 -9.29 -7.08
CA TYR E 68 -33.27 -8.25 -6.07
C TYR E 68 -34.30 -7.14 -6.01
N THR E 69 -34.40 -6.49 -4.86
CA THR E 69 -35.29 -5.35 -4.73
C THR E 69 -34.78 -4.38 -3.68
N GLU E 70 -35.18 -3.11 -3.83
CA GLU E 70 -34.83 -2.11 -2.79
C GLU E 70 -35.58 -2.49 -1.50
N PHE E 71 -34.93 -2.33 -0.34
CA PHE E 71 -35.62 -2.43 0.97
C PHE E 71 -34.92 -1.66 2.06
N THR E 72 -35.69 -1.27 3.08
CA THR E 72 -35.17 -0.61 4.26
C THR E 72 -35.49 -1.50 5.49
N PRO E 73 -34.50 -2.27 5.98
CA PRO E 73 -34.73 -3.21 7.08
C PRO E 73 -35.11 -2.50 8.38
N THR E 74 -35.90 -3.19 9.19
CA THR E 74 -36.26 -2.72 10.54
C THR E 74 -36.05 -3.86 11.56
N GLU E 75 -36.14 -3.55 12.85
CA GLU E 75 -35.94 -4.59 13.87
C GLU E 75 -36.90 -5.76 13.69
N LYS E 76 -38.15 -5.43 13.37
CA LYS E 76 -39.22 -6.42 13.40
C LYS E 76 -39.78 -6.94 12.06
N ASP E 77 -39.57 -6.22 10.95
CA ASP E 77 -39.99 -6.75 9.64
C ASP E 77 -39.23 -8.01 9.28
N GLU E 78 -39.96 -9.01 8.79
CA GLU E 78 -39.36 -10.28 8.37
C GLU E 78 -39.41 -10.43 6.85
N TYR E 79 -38.29 -10.94 6.30
CA TYR E 79 -38.17 -11.15 4.84
C TYR E 79 -37.84 -12.60 4.54
N ALA E 80 -38.22 -13.05 3.35
CA ALA E 80 -37.91 -14.43 2.92
C ALA E 80 -37.82 -14.50 1.41
N CYS E 81 -37.23 -15.59 0.91
CA CYS E 81 -37.25 -15.88 -0.53
C CYS E 81 -38.01 -17.18 -0.72
N ARG E 82 -38.89 -17.22 -1.73
CA ARG E 82 -39.72 -18.40 -1.99
C ARG E 82 -39.44 -18.90 -3.41
N VAL E 83 -39.06 -20.17 -3.53
CA VAL E 83 -38.63 -20.71 -4.82
C VAL E 83 -39.46 -21.94 -5.20
N ASN E 84 -39.94 -21.95 -6.45
CA ASN E 84 -40.61 -23.14 -7.05
C ASN E 84 -39.83 -23.60 -8.30
N HIS E 85 -39.72 -24.91 -8.46
CA HIS E 85 -38.95 -25.52 -9.55
C HIS E 85 -39.42 -26.99 -9.71
N VAL E 86 -39.19 -27.59 -10.89
CA VAL E 86 -39.67 -28.96 -11.15
C VAL E 86 -39.13 -29.97 -10.11
N THR E 87 -37.98 -29.66 -9.52
CA THR E 87 -37.32 -30.53 -8.53
C THR E 87 -37.84 -30.45 -7.10
N LEU E 88 -38.73 -29.48 -6.86
CA LEU E 88 -39.25 -29.21 -5.51
C LEU E 88 -40.72 -29.59 -5.47
N SER E 89 -41.06 -30.50 -4.57
CA SER E 89 -42.45 -30.92 -4.44
C SER E 89 -43.26 -29.85 -3.71
N GLN E 90 -42.62 -29.08 -2.86
CA GLN E 90 -43.28 -27.97 -2.15
C GLN E 90 -42.50 -26.70 -2.46
N PRO E 91 -43.15 -25.51 -2.37
CA PRO E 91 -42.31 -24.30 -2.47
C PRO E 91 -41.29 -24.30 -1.35
N LYS E 92 -40.08 -23.84 -1.65
CA LYS E 92 -39.03 -23.77 -0.65
C LYS E 92 -38.90 -22.33 -0.18
N ILE E 93 -39.03 -22.12 1.12
CA ILE E 93 -38.96 -20.81 1.71
C ILE E 93 -37.71 -20.74 2.57
N VAL E 94 -36.86 -19.76 2.24
CA VAL E 94 -35.66 -19.48 3.03
C VAL E 94 -35.84 -18.09 3.69
N LYS E 95 -35.78 -18.04 5.02
CA LYS E 95 -35.88 -16.79 5.75
C LYS E 95 -34.58 -15.99 5.69
N TRP E 96 -34.70 -14.66 5.58
CA TRP E 96 -33.53 -13.79 5.66
C TRP E 96 -33.05 -13.69 7.09
N ASP E 97 -31.74 -13.93 7.28
CA ASP E 97 -31.08 -13.78 8.59
C ASP E 97 -29.96 -12.75 8.33
N ARG E 98 -29.97 -11.63 9.05
CA ARG E 98 -29.01 -10.56 8.73
C ARG E 98 -27.52 -10.93 8.93
N ASP E 99 -27.26 -12.04 9.61
CA ASP E 99 -25.87 -12.55 9.69
C ASP E 99 -25.57 -13.78 8.84
N MET E 100 -26.26 -13.89 7.70
CA MET E 100 -26.02 -14.98 6.76
C MET E 100 -26.10 -14.46 5.31
N SER F 1 -17.01 -8.70 -28.78
CA SER F 1 -17.64 -8.81 -30.12
C SER F 1 -17.94 -10.25 -30.51
N LEU F 2 -19.17 -10.51 -30.93
CA LEU F 2 -19.62 -11.89 -31.30
C LEU F 2 -18.88 -12.46 -32.51
N TYR F 3 -18.75 -13.78 -32.54
CA TYR F 3 -18.21 -14.51 -33.70
C TYR F 3 -19.18 -14.35 -34.88
N ASN F 4 -18.64 -14.27 -36.09
CA ASN F 4 -19.42 -13.87 -37.28
C ASN F 4 -19.84 -15.02 -38.20
N THR F 5 -19.25 -16.20 -37.98
CA THR F 5 -19.57 -17.35 -38.82
C THR F 5 -19.83 -18.65 -38.03
N VAL F 6 -20.80 -18.56 -37.13
CA VAL F 6 -21.40 -19.74 -36.51
C VAL F 6 -21.94 -20.67 -37.64
N ALA F 7 -21.80 -22.00 -37.45
CA ALA F 7 -22.37 -23.06 -38.32
C ALA F 7 -23.41 -23.87 -37.55
N THR F 8 -24.31 -24.58 -38.23
CA THR F 8 -25.37 -25.30 -37.53
C THR F 8 -24.96 -26.74 -37.18
N LEU F 9 -25.62 -27.33 -36.19
CA LEU F 9 -25.37 -28.71 -35.77
C LEU F 9 -25.86 -29.74 -36.79
#